data_2UXN
#
_entry.id   2UXN
#
_cell.length_a   119.949
_cell.length_b   178.646
_cell.length_c   234.930
_cell.angle_alpha   90.00
_cell.angle_beta   90.00
_cell.angle_gamma   90.00
#
_symmetry.space_group_name_H-M   'I 2 2 2'
#
loop_
_entity.id
_entity.type
_entity.pdbx_description
1 polymer 'LYSINE-SPECIFIC HISTONE DEMETHYLASE 1'
2 polymer 'REST COREPRESSOR 1'
3 polymer 'HISTONE H3.1'
4 non-polymer 'DIHYDROFLAVINE-ADENINE DINUCLEOTIDE'
5 non-polymer GLYCEROL
6 non-polymer 'CHLORIDE ION'
7 water water
#
loop_
_entity_poly.entity_id
_entity_poly.type
_entity_poly.pdbx_seq_one_letter_code
_entity_poly.pdbx_strand_id
1 'polypeptide(L)'
;PSGVEGAAFQSRLPHDRMTSQEAACFPDIISGPQQTQKVFLFIRNRTLQLWLDNPKIQLTFEATLQQLEAPYNSDTVLVH
RVHSYLERHGLINFGIYKRIKPLPTKKTGKVIIIGSGVSGLAAARQLQSFGMDVTLLEARDRVGGRVATFRKGNYVADLG
AMVVTGLGGNPMAVVSKQVNMELAKIKQKCPLYEANGQAVPKEKDEMVEQEFNRLLEATSYLSHQLDFNVLNNKPVSLGQ
ALEVVIQLQEKHVKDEQIEHWKKIVKTQEELKELLNKMVNLKEKIKELHQQYKEASEVKPPRDITAEFLVKSKHRDLTAL
CKEYDELAETQGKLEEKLQELEANPPSDVYLSSRDRQILDWHFANLEFANATPLSTLSLKHWDQDDDFEFTGSHLTVRNG
YSCVPVALAEGLDIKLNTAVRQVRYTASGCEVIAVNTRSTSQTFIYKCDAVLCTLPLGVLKQQPPAVQFVPPLPEWKTSA
VQRMGFGNLNKVVLCFDRVFWDPSVNLFGHVGSTTASRGELFLFWNLYKAPILLALVAGEAAGIMENISDDVIVGRCLAI
LKGIFGSSAVPQPKETVVSRWRADPWARGSYSYVAAGSSGNDYDLMAQPITPGPSIPGAPQPIPRLFFAGEHTIRNYPAT
VHGALLSGLREAGRIADQFLGAMYTL
;
A
2 'polypeptide(L)'
;MGSSHHHHHHSSGLVPRGSHMASMTGGQQMGRGSEFGRPTETVPQVKKEKHSTQAKNRAKRKPPKGMFLSQEDVEAVSAN
ATAATTVLRQLDMELVSVKRQIQNIKQTNSALKEKLDGGIEPYRLPEVIQKCNARWTTEEQLLAVQAIRKYGRDFQAISD
VIGNKSVVQVKNFFVNYRRRFNIDEVLQEWEAEHGKEETNGPSNQKPVKSPDNSIKMPEEEDEAPVLDVRYASAS
;
B
3 'polypeptide(L)' ART(LYP)QTARKSTGGKAPRKQLA E
#
loop_
_chem_comp.id
_chem_comp.type
_chem_comp.name
_chem_comp.formula
CL non-polymer 'CHLORIDE ION' 'Cl -1'
FDA non-polymer 'DIHYDROFLAVINE-ADENINE DINUCLEOTIDE' 'C27 H35 N9 O15 P2'
GOL non-polymer GLYCEROL 'C3 H8 O3'
LYP non-polymer N~6~-METHYL-N~6~-PROPYL-L-LYSINE 'C10 H22 N2 O2'
#
# COMPACT_ATOMS: atom_id res chain seq x y z
N GLY A 3 8.29 24.19 -24.25
CA GLY A 3 7.66 25.28 -25.05
C GLY A 3 6.21 24.94 -25.34
N VAL A 4 5.95 24.50 -26.58
CA VAL A 4 4.60 24.11 -26.98
C VAL A 4 4.22 22.76 -26.35
N GLU A 5 5.22 21.97 -26.01
CA GLU A 5 5.00 20.66 -25.39
C GLU A 5 4.60 20.82 -23.91
N GLY A 6 5.08 21.90 -23.29
CA GLY A 6 4.77 22.21 -21.90
C GLY A 6 3.33 22.69 -21.80
N ALA A 7 2.88 23.38 -22.85
CA ALA A 7 1.52 23.87 -22.93
C ALA A 7 0.52 22.72 -22.97
N ALA A 8 0.86 21.66 -23.72
CA ALA A 8 0.01 20.49 -23.82
C ALA A 8 -0.02 19.78 -22.47
N PHE A 9 1.14 19.67 -21.85
CA PHE A 9 1.30 19.03 -20.55
C PHE A 9 0.51 19.77 -19.48
N GLN A 10 0.62 21.10 -19.50
CA GLN A 10 -0.07 21.94 -18.54
C GLN A 10 -1.59 21.90 -18.74
N SER A 11 -2.02 21.45 -19.92
CA SER A 11 -3.45 21.33 -20.24
C SER A 11 -3.92 19.87 -20.19
N ARG A 12 -3.05 18.97 -19.73
CA ARG A 12 -3.34 17.53 -19.62
C ARG A 12 -3.63 16.91 -20.99
N LEU A 13 -2.83 17.30 -21.97
CA LEU A 13 -2.98 16.81 -23.34
C LEU A 13 -1.70 16.17 -23.84
N PRO A 14 -1.81 15.10 -24.65
CA PRO A 14 -0.63 14.57 -25.33
C PRO A 14 -0.23 15.55 -26.43
N HIS A 15 1.03 15.97 -26.42
CA HIS A 15 1.54 16.95 -27.42
C HIS A 15 1.60 16.46 -28.86
N ASP A 16 1.92 15.19 -29.02
CA ASP A 16 2.10 14.56 -30.33
C ASP A 16 0.94 13.68 -30.78
N ARG A 17 -0.24 13.89 -30.19
CA ARG A 17 -1.39 13.08 -30.54
C ARG A 17 -2.69 13.82 -30.31
N MET A 18 -3.72 13.50 -31.10
CA MET A 18 -5.03 14.11 -30.98
C MET A 18 -5.85 13.30 -29.99
N THR A 19 -6.63 13.97 -29.16
CA THR A 19 -7.48 13.29 -28.16
C THR A 19 -8.81 12.87 -28.78
N SER A 20 -9.56 12.06 -28.06
CA SER A 20 -10.86 11.59 -28.49
C SER A 20 -11.81 12.76 -28.69
N GLN A 21 -11.69 13.75 -27.81
CA GLN A 21 -12.51 14.94 -27.84
C GLN A 21 -12.22 15.74 -29.11
N GLU A 22 -10.94 15.87 -29.43
CA GLU A 22 -10.48 16.58 -30.62
C GLU A 22 -10.94 15.85 -31.87
N ALA A 23 -10.86 14.52 -31.83
CA ALA A 23 -11.28 13.67 -32.93
C ALA A 23 -12.73 13.93 -33.29
N ALA A 24 -13.57 14.07 -32.27
CA ALA A 24 -15.01 14.31 -32.46
C ALA A 24 -15.33 15.63 -33.13
N CYS A 25 -14.57 16.68 -32.81
CA CYS A 25 -14.80 18.00 -33.39
C CYS A 25 -14.04 18.21 -34.70
N PHE A 26 -12.98 17.42 -34.90
CA PHE A 26 -12.18 17.51 -36.09
C PHE A 26 -12.03 16.14 -36.75
N PRO A 27 -13.16 15.51 -37.15
CA PRO A 27 -13.09 14.19 -37.79
C PRO A 27 -12.37 14.22 -39.13
N ASP A 28 -12.42 15.36 -39.81
CA ASP A 28 -11.77 15.53 -41.11
C ASP A 28 -10.25 15.42 -40.95
N ILE A 29 -9.73 16.10 -39.94
CA ILE A 29 -8.31 16.12 -39.64
C ILE A 29 -7.74 14.80 -39.16
N ILE A 30 -8.36 14.19 -38.14
CA ILE A 30 -7.87 12.92 -37.62
C ILE A 30 -7.92 11.78 -38.64
N SER A 31 -8.92 11.79 -39.53
CA SER A 31 -9.02 10.75 -40.55
C SER A 31 -8.13 11.04 -41.75
N GLY A 32 -7.69 12.30 -41.85
CA GLY A 32 -6.82 12.75 -42.93
C GLY A 32 -5.38 12.36 -42.74
N PRO A 33 -4.49 12.90 -43.62
CA PRO A 33 -3.05 12.60 -43.60
C PRO A 33 -2.32 13.11 -42.34
N GLN A 34 -1.30 12.36 -41.92
CA GLN A 34 -0.50 12.71 -40.74
C GLN A 34 0.00 14.15 -40.75
N GLN A 35 0.44 14.61 -41.92
CA GLN A 35 0.95 15.95 -42.09
C GLN A 35 -0.03 17.02 -41.57
N THR A 36 -1.29 16.91 -41.95
CA THR A 36 -2.33 17.85 -41.52
C THR A 36 -2.55 17.76 -40.01
N GLN A 37 -2.48 16.55 -39.46
CA GLN A 37 -2.65 16.33 -38.02
C GLN A 37 -1.60 17.10 -37.24
N LYS A 38 -0.37 17.12 -37.76
CA LYS A 38 0.75 17.82 -37.14
C LYS A 38 0.51 19.34 -37.11
N VAL A 39 -0.13 19.83 -38.16
CA VAL A 39 -0.42 21.27 -38.28
C VAL A 39 -1.44 21.66 -37.22
N PHE A 40 -2.40 20.77 -36.99
CA PHE A 40 -3.45 21.00 -36.00
C PHE A 40 -2.84 20.99 -34.60
N LEU A 41 -2.02 19.99 -34.33
CA LEU A 41 -1.38 19.87 -33.02
C LEU A 41 -0.55 21.09 -32.64
N PHE A 42 0.18 21.64 -33.61
CA PHE A 42 1.01 22.81 -33.36
C PHE A 42 0.14 24.02 -33.06
N ILE A 43 -0.89 24.20 -33.87
CA ILE A 43 -1.81 25.31 -33.69
C ILE A 43 -2.43 25.23 -32.30
N ARG A 44 -2.90 24.04 -31.94
CA ARG A 44 -3.52 23.82 -30.64
C ARG A 44 -2.54 24.13 -29.51
N ASN A 45 -1.36 23.51 -29.56
CA ASN A 45 -0.34 23.72 -28.53
C ASN A 45 0.11 25.17 -28.40
N ARG A 46 0.30 25.84 -29.54
CA ARG A 46 0.72 27.23 -29.54
C ARG A 46 -0.34 28.12 -28.92
N THR A 47 -1.60 27.91 -29.29
CA THR A 47 -2.70 28.69 -28.75
C THR A 47 -2.76 28.50 -27.23
N LEU A 48 -2.54 27.26 -26.79
CA LEU A 48 -2.53 26.94 -25.38
C LEU A 48 -1.40 27.71 -24.70
N GLN A 49 -0.23 27.68 -25.34
CA GLN A 49 0.94 28.38 -24.83
C GLN A 49 0.67 29.87 -24.69
N LEU A 50 0.05 30.47 -25.69
CA LEU A 50 -0.24 31.89 -25.64
C LEU A 50 -1.12 32.22 -24.45
N TRP A 51 -2.19 31.45 -24.26
CA TRP A 51 -3.11 31.64 -23.16
C TRP A 51 -2.39 31.42 -21.82
N LEU A 52 -1.60 30.35 -21.75
CA LEU A 52 -0.87 30.02 -20.53
C LEU A 52 0.18 31.06 -20.16
N ASP A 53 0.80 31.68 -21.17
CA ASP A 53 1.82 32.70 -20.94
C ASP A 53 1.26 33.95 -20.29
N ASN A 54 -0.01 34.24 -20.57
CA ASN A 54 -0.67 35.40 -19.98
C ASN A 54 -2.16 35.15 -19.79
N PRO A 55 -2.52 34.51 -18.66
CA PRO A 55 -3.90 34.14 -18.35
C PRO A 55 -4.70 35.26 -17.68
N LYS A 56 -4.13 36.46 -17.59
CA LYS A 56 -4.82 37.59 -16.97
C LYS A 56 -5.71 38.33 -17.98
N ILE A 57 -5.50 38.09 -19.28
CA ILE A 57 -6.30 38.73 -20.32
C ILE A 57 -6.84 37.69 -21.34
N GLN A 58 -8.01 37.98 -21.89
CA GLN A 58 -8.66 37.12 -22.87
C GLN A 58 -7.84 36.93 -24.14
N LEU A 59 -7.70 35.70 -24.59
CA LEU A 59 -6.97 35.41 -25.81
C LEU A 59 -7.99 35.28 -26.95
N THR A 60 -8.09 36.32 -27.77
CA THR A 60 -9.03 36.34 -28.89
C THR A 60 -8.45 35.62 -30.09
N PHE A 61 -9.32 35.29 -31.04
CA PHE A 61 -8.90 34.62 -32.26
C PHE A 61 -7.95 35.52 -33.03
N GLU A 62 -8.33 36.80 -33.16
CA GLU A 62 -7.53 37.81 -33.85
C GLU A 62 -6.10 37.87 -33.29
N ALA A 63 -6.00 38.02 -31.97
CA ALA A 63 -4.72 38.09 -31.29
C ALA A 63 -3.89 36.81 -31.39
N THR A 64 -4.55 35.72 -31.77
CA THR A 64 -3.89 34.43 -31.91
C THR A 64 -3.23 34.31 -33.28
N LEU A 65 -4.01 34.61 -34.33
CA LEU A 65 -3.52 34.56 -35.71
C LEU A 65 -2.31 35.46 -35.87
N GLN A 66 -2.29 36.52 -35.07
CA GLN A 66 -1.21 37.50 -35.05
C GLN A 66 0.12 36.86 -34.66
N GLN A 67 0.13 36.15 -33.52
CA GLN A 67 1.35 35.51 -33.01
C GLN A 67 1.82 34.25 -33.73
N LEU A 68 1.06 33.82 -34.73
CA LEU A 68 1.44 32.63 -35.49
C LEU A 68 2.21 33.01 -36.74
N GLU A 69 3.25 32.24 -37.03
CA GLU A 69 4.08 32.47 -38.22
C GLU A 69 3.63 31.52 -39.33
N ALA A 70 4.17 31.73 -40.54
CA ALA A 70 3.85 30.88 -41.68
C ALA A 70 4.53 29.51 -41.45
N PRO A 71 3.99 28.43 -42.05
CA PRO A 71 2.80 28.36 -42.89
C PRO A 71 1.51 28.29 -42.08
N TYR A 72 1.64 27.90 -40.81
CA TYR A 72 0.51 27.76 -39.88
C TYR A 72 -0.52 28.89 -39.92
N ASN A 73 -0.07 30.14 -40.01
CA ASN A 73 -0.98 31.28 -40.04
C ASN A 73 -1.67 31.54 -41.39
N SER A 74 -1.52 30.59 -42.33
CA SER A 74 -2.14 30.72 -43.65
C SER A 74 -3.61 30.28 -43.62
N ASP A 75 -3.86 29.11 -43.03
CA ASP A 75 -5.21 28.58 -42.92
C ASP A 75 -5.94 29.26 -41.76
N THR A 76 -6.65 30.34 -42.07
CA THR A 76 -7.38 31.11 -41.06
C THR A 76 -8.57 30.37 -40.45
N VAL A 77 -9.26 29.56 -41.26
CA VAL A 77 -10.41 28.81 -40.78
C VAL A 77 -10.00 27.73 -39.78
N LEU A 78 -8.93 27.01 -40.10
CA LEU A 78 -8.42 25.96 -39.22
C LEU A 78 -8.02 26.55 -37.87
N VAL A 79 -7.44 27.74 -37.89
CA VAL A 79 -7.03 28.42 -36.66
C VAL A 79 -8.29 28.81 -35.88
N HIS A 80 -9.22 29.45 -36.57
CA HIS A 80 -10.46 29.88 -35.94
C HIS A 80 -11.21 28.70 -35.29
N ARG A 81 -11.19 27.55 -35.96
CA ARG A 81 -11.86 26.36 -35.46
C ARG A 81 -11.19 25.90 -34.17
N VAL A 82 -9.88 25.71 -34.23
CA VAL A 82 -9.09 25.29 -33.08
C VAL A 82 -9.30 26.25 -31.92
N HIS A 83 -9.24 27.54 -32.19
CA HIS A 83 -9.42 28.56 -31.14
C HIS A 83 -10.76 28.45 -30.45
N SER A 84 -11.84 28.36 -31.23
CA SER A 84 -13.19 28.27 -30.69
C SER A 84 -13.33 26.98 -29.90
N TYR A 85 -12.75 25.91 -30.43
CA TYR A 85 -12.80 24.61 -29.79
C TYR A 85 -12.20 24.68 -28.39
N LEU A 86 -11.05 25.33 -28.29
CA LEU A 86 -10.37 25.48 -27.01
C LEU A 86 -11.17 26.36 -26.06
N GLU A 87 -11.68 27.46 -26.60
CA GLU A 87 -12.47 28.40 -25.82
C GLU A 87 -13.70 27.73 -25.25
N ARG A 88 -14.43 27.05 -26.12
CA ARG A 88 -15.67 26.35 -25.78
C ARG A 88 -15.49 25.28 -24.71
N HIS A 89 -14.35 24.59 -24.75
CA HIS A 89 -14.05 23.54 -23.79
C HIS A 89 -13.24 24.06 -22.60
N GLY A 90 -13.21 25.39 -22.45
CA GLY A 90 -12.51 26.04 -21.36
C GLY A 90 -11.04 25.75 -21.17
N LEU A 91 -10.34 25.42 -22.25
CA LEU A 91 -8.91 25.16 -22.17
C LEU A 91 -8.14 26.48 -22.21
N ILE A 92 -8.78 27.50 -22.75
CA ILE A 92 -8.25 28.85 -22.83
C ILE A 92 -9.43 29.71 -22.42
N ASN A 93 -9.16 30.91 -21.91
CA ASN A 93 -10.21 31.85 -21.49
C ASN A 93 -11.17 31.35 -20.41
N PHE A 94 -10.62 30.74 -19.38
CA PHE A 94 -11.41 30.25 -18.26
C PHE A 94 -10.88 30.92 -17.00
N GLY A 95 -11.76 31.10 -16.01
CA GLY A 95 -11.36 31.71 -14.76
C GLY A 95 -11.71 33.18 -14.71
N ILE A 96 -10.79 33.98 -14.16
CA ILE A 96 -10.97 35.42 -14.03
C ILE A 96 -9.90 36.11 -14.84
N TYR A 97 -10.33 36.65 -15.97
CA TYR A 97 -9.44 37.35 -16.89
C TYR A 97 -10.08 38.62 -17.38
N LYS A 98 -9.24 39.56 -17.83
CA LYS A 98 -9.71 40.82 -18.35
C LYS A 98 -10.32 40.58 -19.73
N ARG A 99 -11.57 41.00 -19.89
CA ARG A 99 -12.28 40.82 -21.15
C ARG A 99 -11.96 41.93 -22.13
N ILE A 100 -11.48 41.56 -23.31
CA ILE A 100 -11.14 42.54 -24.35
C ILE A 100 -12.45 42.99 -25.01
N LYS A 101 -13.28 42.01 -25.40
CA LYS A 101 -14.56 42.31 -26.02
C LYS A 101 -15.59 42.36 -24.89
N PRO A 102 -16.09 43.57 -24.54
CA PRO A 102 -17.15 43.63 -23.53
C PRO A 102 -18.30 42.69 -23.91
N LEU A 103 -18.90 42.04 -22.92
CA LEU A 103 -20.00 41.11 -23.13
C LEU A 103 -21.19 41.75 -23.83
N PRO A 104 -21.62 41.17 -24.97
CA PRO A 104 -22.91 41.53 -25.59
C PRO A 104 -24.03 41.51 -24.55
N THR A 105 -24.80 42.60 -24.52
CA THR A 105 -25.91 42.78 -23.59
C THR A 105 -27.07 41.79 -23.81
N LYS A 106 -27.21 41.33 -25.05
CA LYS A 106 -28.27 40.39 -25.41
C LYS A 106 -27.84 38.97 -25.09
N LYS A 107 -28.64 38.30 -24.26
CA LYS A 107 -28.34 36.93 -23.83
C LYS A 107 -29.14 35.88 -24.60
N THR A 108 -28.62 34.64 -24.59
CA THR A 108 -29.27 33.53 -25.28
C THR A 108 -29.35 32.32 -24.37
N GLY A 109 -30.56 31.83 -24.15
CA GLY A 109 -30.80 30.67 -23.30
C GLY A 109 -30.81 31.06 -21.83
N LYS A 110 -31.44 30.21 -21.00
CA LYS A 110 -31.52 30.44 -19.57
C LYS A 110 -31.10 29.17 -18.80
N VAL A 111 -30.09 29.31 -17.95
CA VAL A 111 -29.59 28.17 -17.17
C VAL A 111 -29.57 28.45 -15.68
N ILE A 112 -30.10 27.50 -14.92
CA ILE A 112 -30.12 27.58 -13.46
C ILE A 112 -29.07 26.57 -12.99
N ILE A 113 -28.15 27.03 -12.15
CA ILE A 113 -27.09 26.19 -11.62
C ILE A 113 -27.36 25.95 -10.13
N ILE A 114 -27.44 24.70 -9.73
CA ILE A 114 -27.68 24.36 -8.35
C ILE A 114 -26.34 24.23 -7.63
N GLY A 115 -26.11 25.12 -6.66
CA GLY A 115 -24.88 25.13 -5.87
C GLY A 115 -23.84 26.08 -6.41
N SER A 116 -23.19 26.81 -5.50
CA SER A 116 -22.17 27.77 -5.90
C SER A 116 -20.79 27.42 -5.34
N GLY A 117 -20.44 26.14 -5.45
CA GLY A 117 -19.14 25.66 -5.03
C GLY A 117 -18.28 25.91 -6.26
N VAL A 118 -17.07 25.40 -6.27
CA VAL A 118 -16.19 25.60 -7.41
C VAL A 118 -16.74 25.05 -8.73
N SER A 119 -17.31 23.86 -8.72
CA SER A 119 -17.84 23.31 -9.98
C SER A 119 -18.93 24.21 -10.57
N GLY A 120 -19.86 24.65 -9.72
CA GLY A 120 -20.94 25.54 -10.16
C GLY A 120 -20.43 26.89 -10.59
N LEU A 121 -19.50 27.47 -9.82
CA LEU A 121 -18.93 28.79 -10.15
C LEU A 121 -18.17 28.78 -11.48
N ALA A 122 -17.37 27.75 -11.69
CA ALA A 122 -16.61 27.61 -12.92
C ALA A 122 -17.53 27.56 -14.13
N ALA A 123 -18.61 26.77 -14.03
CA ALA A 123 -19.56 26.65 -15.13
C ALA A 123 -20.27 27.96 -15.40
N ALA A 124 -20.64 28.67 -14.33
CA ALA A 124 -21.33 29.94 -14.46
C ALA A 124 -20.51 30.95 -15.25
N ARG A 125 -19.25 31.13 -14.86
CA ARG A 125 -18.36 32.07 -15.55
C ARG A 125 -18.31 31.75 -17.04
N GLN A 126 -18.08 30.48 -17.35
CA GLN A 126 -18.03 30.03 -18.74
C GLN A 126 -19.34 30.32 -19.49
N LEU A 127 -20.47 29.91 -18.92
CA LEU A 127 -21.76 30.12 -19.57
C LEU A 127 -22.05 31.61 -19.76
N GLN A 128 -21.78 32.42 -18.75
CA GLN A 128 -21.99 33.86 -18.87
C GLN A 128 -21.08 34.36 -19.98
N SER A 129 -19.84 33.89 -19.99
CA SER A 129 -18.88 34.26 -21.02
C SER A 129 -19.33 33.85 -22.42
N PHE A 130 -20.20 32.85 -22.52
CA PHE A 130 -20.67 32.39 -23.81
C PHE A 130 -21.90 33.12 -24.30
N GLY A 131 -22.50 33.93 -23.43
CA GLY A 131 -23.70 34.72 -23.77
C GLY A 131 -25.01 34.20 -23.21
N MET A 132 -24.95 33.28 -22.26
CA MET A 132 -26.16 32.73 -21.67
C MET A 132 -26.61 33.48 -20.41
N ASP A 133 -27.88 33.33 -20.06
CA ASP A 133 -28.47 33.93 -18.88
C ASP A 133 -28.23 32.90 -17.76
N VAL A 134 -27.43 33.26 -16.76
CA VAL A 134 -27.12 32.32 -15.70
C VAL A 134 -27.43 32.80 -14.29
N THR A 135 -28.13 31.97 -13.52
CA THR A 135 -28.45 32.27 -12.14
C THR A 135 -28.09 31.03 -11.31
N LEU A 136 -27.38 31.25 -10.20
CA LEU A 136 -26.98 30.17 -9.31
C LEU A 136 -27.80 30.22 -8.03
N LEU A 137 -28.14 29.04 -7.53
CA LEU A 137 -28.89 28.91 -6.29
C LEU A 137 -28.04 28.17 -5.26
N GLU A 138 -27.72 28.87 -4.18
CA GLU A 138 -26.92 28.33 -3.10
C GLU A 138 -27.74 28.31 -1.84
N ALA A 139 -27.69 27.19 -1.12
CA ALA A 139 -28.43 27.05 0.12
C ALA A 139 -27.74 27.81 1.27
N ARG A 140 -26.40 27.77 1.29
CA ARG A 140 -25.61 28.43 2.33
C ARG A 140 -25.69 29.97 2.21
N ASP A 141 -25.16 30.64 3.24
CA ASP A 141 -25.12 32.10 3.29
C ASP A 141 -23.78 32.60 2.73
N ARG A 142 -23.14 31.74 1.94
CA ARG A 142 -21.84 32.05 1.33
C ARG A 142 -21.61 31.17 0.12
N VAL A 143 -20.50 31.43 -0.58
CA VAL A 143 -20.11 30.67 -1.76
C VAL A 143 -18.94 29.76 -1.39
N GLY A 144 -18.54 28.88 -2.31
CA GLY A 144 -17.42 27.98 -2.12
C GLY A 144 -17.72 26.56 -1.67
N GLY A 145 -18.92 26.34 -1.15
CA GLY A 145 -19.30 25.01 -0.72
C GLY A 145 -18.29 24.31 0.17
N ARG A 146 -17.58 23.32 -0.38
CA ARG A 146 -16.58 22.60 0.41
C ARG A 146 -15.23 23.31 0.54
N VAL A 147 -15.18 24.53 0.03
CA VAL A 147 -14.00 25.35 0.16
C VAL A 147 -14.52 26.33 1.20
N ALA A 148 -14.19 26.04 2.47
CA ALA A 148 -14.64 26.85 3.59
C ALA A 148 -13.45 27.32 4.40
N THR A 149 -13.27 28.63 4.45
CA THR A 149 -12.16 29.22 5.19
C THR A 149 -12.62 29.93 6.46
N PHE A 150 -11.96 29.60 7.56
CA PHE A 150 -12.26 30.22 8.84
C PHE A 150 -11.44 31.48 8.94
N ARG A 151 -12.12 32.60 9.15
CA ARG A 151 -11.45 33.91 9.24
C ARG A 151 -11.90 34.70 10.46
N LYS A 152 -10.98 34.90 11.39
CA LYS A 152 -11.25 35.69 12.58
C LYS A 152 -9.96 36.40 12.95
N GLY A 153 -9.96 37.71 12.73
CA GLY A 153 -8.79 38.54 13.00
C GLY A 153 -7.71 38.18 11.99
N ASN A 154 -6.53 37.84 12.48
CA ASN A 154 -5.42 37.45 11.62
C ASN A 154 -5.44 35.95 11.37
N TYR A 155 -6.25 35.24 12.16
CA TYR A 155 -6.36 33.79 12.04
C TYR A 155 -7.09 33.40 10.76
N VAL A 156 -6.46 32.51 10.00
CA VAL A 156 -7.00 32.02 8.74
C VAL A 156 -6.77 30.51 8.70
N ALA A 157 -7.84 29.73 8.52
CA ALA A 157 -7.73 28.27 8.48
C ALA A 157 -8.83 27.61 7.66
N ASP A 158 -8.44 26.76 6.71
CA ASP A 158 -9.39 26.06 5.86
C ASP A 158 -10.02 24.85 6.54
N LEU A 159 -11.34 24.79 6.52
CA LEU A 159 -12.05 23.68 7.12
C LEU A 159 -12.36 22.62 6.07
N GLY A 160 -12.24 22.99 4.80
CA GLY A 160 -12.47 22.10 3.67
C GLY A 160 -11.17 21.92 2.91
N ALA A 161 -11.23 22.07 1.59
CA ALA A 161 -10.05 21.96 0.74
C ALA A 161 -8.95 22.87 1.25
N MET A 162 -7.71 22.40 1.19
CA MET A 162 -6.60 23.17 1.70
C MET A 162 -5.33 23.12 0.86
N VAL A 163 -5.06 21.97 0.26
CA VAL A 163 -3.86 21.78 -0.53
C VAL A 163 -4.06 21.76 -2.05
N VAL A 164 -3.15 22.43 -2.76
CA VAL A 164 -3.11 22.45 -4.21
C VAL A 164 -2.06 21.34 -4.44
N THR A 165 -2.49 20.21 -4.97
CA THR A 165 -1.61 19.04 -5.16
C THR A 165 -0.68 18.99 -6.38
N GLY A 166 0.21 19.96 -6.47
CA GLY A 166 1.15 20.04 -7.58
C GLY A 166 0.64 20.98 -8.64
N LEU A 167 1.53 21.83 -9.14
CA LEU A 167 1.17 22.80 -10.17
C LEU A 167 1.27 22.27 -11.60
N GLY A 168 2.08 21.23 -11.78
CA GLY A 168 2.28 20.64 -13.11
C GLY A 168 1.06 19.96 -13.71
N GLY A 169 0.41 20.65 -14.64
CA GLY A 169 -0.78 20.13 -15.30
C GLY A 169 -2.08 20.47 -14.58
N ASN A 170 -1.94 21.15 -13.46
CA ASN A 170 -3.05 21.56 -12.62
C ASN A 170 -3.65 22.86 -13.12
N PRO A 171 -4.98 22.87 -13.40
CA PRO A 171 -5.65 24.10 -13.82
C PRO A 171 -5.61 25.17 -12.74
N MET A 172 -5.39 24.75 -11.49
CA MET A 172 -5.31 25.71 -10.38
C MET A 172 -4.11 26.65 -10.51
N ALA A 173 -3.12 26.24 -11.32
CA ALA A 173 -1.93 27.03 -11.56
C ALA A 173 -2.33 28.31 -12.30
N VAL A 174 -3.27 28.17 -13.24
CA VAL A 174 -3.76 29.31 -14.01
C VAL A 174 -4.54 30.22 -13.08
N VAL A 175 -5.39 29.62 -12.25
CA VAL A 175 -6.22 30.36 -11.32
C VAL A 175 -5.36 31.16 -10.31
N SER A 176 -4.24 30.56 -9.89
CA SER A 176 -3.32 31.19 -8.93
C SER A 176 -2.58 32.40 -9.50
N LYS A 177 -2.65 32.59 -10.81
CA LYS A 177 -2.02 33.72 -11.45
C LYS A 177 -3.08 34.78 -11.70
N GLN A 178 -4.35 34.34 -11.63
CA GLN A 178 -5.50 35.20 -11.83
C GLN A 178 -5.99 35.76 -10.51
N VAL A 179 -5.77 34.98 -9.45
CA VAL A 179 -6.18 35.34 -8.09
C VAL A 179 -4.95 35.32 -7.19
N ASN A 180 -4.81 36.36 -6.37
CA ASN A 180 -3.69 36.46 -5.45
C ASN A 180 -3.77 35.33 -4.41
N MET A 181 -3.04 34.25 -4.70
CA MET A 181 -3.00 33.09 -3.82
C MET A 181 -1.59 33.00 -3.27
N GLU A 182 -1.47 33.15 -1.96
CA GLU A 182 -0.17 33.08 -1.34
C GLU A 182 0.14 31.60 -1.13
N LEU A 183 0.60 30.95 -2.20
CA LEU A 183 0.94 29.53 -2.14
C LEU A 183 2.29 29.30 -1.48
N ALA A 184 2.32 28.37 -0.54
CA ALA A 184 3.53 28.04 0.21
C ALA A 184 3.80 26.54 0.15
N LYS A 185 5.03 26.17 -0.21
CA LYS A 185 5.43 24.77 -0.31
C LYS A 185 5.28 24.05 1.02
N ILE A 186 4.96 22.75 0.95
CA ILE A 186 4.81 21.92 2.11
C ILE A 186 6.10 21.13 2.31
N LYS A 187 6.69 21.25 3.48
CA LYS A 187 7.91 20.51 3.76
C LYS A 187 7.50 19.10 4.11
N GLN A 188 8.00 18.14 3.35
CA GLN A 188 7.69 16.73 3.51
C GLN A 188 7.97 16.12 4.90
N LYS A 189 8.95 16.68 5.61
CA LYS A 189 9.35 16.18 6.94
C LYS A 189 8.19 16.07 7.94
N CYS A 190 7.90 14.85 8.38
CA CYS A 190 6.83 14.60 9.34
C CYS A 190 7.23 13.62 10.44
N PRO A 191 7.63 14.15 11.61
CA PRO A 191 7.94 13.30 12.75
C PRO A 191 6.68 12.79 13.45
N LEU A 192 6.77 11.59 14.03
CA LEU A 192 5.63 11.00 14.72
C LEU A 192 5.90 10.89 16.21
N TYR A 193 4.83 10.95 17.00
CA TYR A 193 4.94 10.84 18.44
C TYR A 193 3.95 9.81 18.94
N GLU A 194 4.45 8.81 19.66
CA GLU A 194 3.61 7.74 20.19
C GLU A 194 2.71 8.29 21.28
N ALA A 195 1.72 7.48 21.69
CA ALA A 195 0.77 7.88 22.73
C ALA A 195 1.43 8.52 23.95
N ASN A 196 2.55 7.94 24.40
CA ASN A 196 3.29 8.45 25.56
C ASN A 196 3.93 9.82 25.35
N GLY A 197 3.88 10.32 24.11
CA GLY A 197 4.45 11.62 23.77
C GLY A 197 5.90 11.63 23.32
N GLN A 198 6.50 10.45 23.19
CA GLN A 198 7.89 10.37 22.76
C GLN A 198 8.03 10.05 21.28
N ALA A 199 8.95 10.76 20.64
CA ALA A 199 9.22 10.60 19.21
C ALA A 199 9.57 9.18 18.78
N VAL A 200 9.39 8.92 17.48
CA VAL A 200 9.70 7.62 16.91
C VAL A 200 11.05 7.74 16.21
N PRO A 201 12.04 6.92 16.63
CA PRO A 201 13.39 6.98 16.06
C PRO A 201 13.41 6.76 14.56
N LYS A 202 14.33 7.45 13.87
CA LYS A 202 14.48 7.34 12.42
C LYS A 202 14.43 5.90 11.89
N GLU A 203 15.04 4.97 12.64
CA GLU A 203 15.07 3.55 12.26
C GLU A 203 13.68 2.94 12.08
N LYS A 204 12.85 3.06 13.11
CA LYS A 204 11.49 2.52 13.09
C LYS A 204 10.65 3.23 12.02
N ASP A 205 10.61 4.55 12.12
CA ASP A 205 9.86 5.38 11.18
C ASP A 205 10.02 4.87 9.75
N GLU A 206 11.27 4.65 9.34
CA GLU A 206 11.59 4.16 8.00
C GLU A 206 11.22 2.70 7.79
N MET A 207 11.45 1.87 8.81
CA MET A 207 11.15 0.43 8.75
C MET A 207 9.66 0.20 8.51
N VAL A 208 8.83 0.88 9.29
CA VAL A 208 7.38 0.73 9.20
C VAL A 208 6.85 1.33 7.89
N GLU A 209 7.35 2.50 7.50
CA GLU A 209 6.92 3.14 6.26
C GLU A 209 7.19 2.22 5.07
N GLN A 210 8.38 1.63 5.05
CA GLN A 210 8.77 0.72 3.98
C GLN A 210 7.86 -0.50 3.98
N GLU A 211 7.51 -0.96 5.17
CA GLU A 211 6.63 -2.12 5.30
C GLU A 211 5.23 -1.76 4.79
N PHE A 212 4.80 -0.54 5.12
CA PHE A 212 3.50 -0.03 4.72
C PHE A 212 3.37 -0.05 3.20
N ASN A 213 4.38 0.47 2.52
CA ASN A 213 4.40 0.51 1.05
C ASN A 213 4.47 -0.90 0.50
N ARG A 214 5.20 -1.75 1.20
CA ARG A 214 5.35 -3.14 0.80
C ARG A 214 4.03 -3.88 0.95
N LEU A 215 3.28 -3.55 1.99
CA LEU A 215 1.97 -4.16 2.21
C LEU A 215 0.94 -3.74 1.15
N LEU A 216 1.03 -2.49 0.68
CA LEU A 216 0.12 -1.98 -0.35
C LEU A 216 0.42 -2.65 -1.68
N GLU A 217 1.70 -2.72 -2.00
CA GLU A 217 2.18 -3.35 -3.21
C GLU A 217 1.73 -4.80 -3.22
N ALA A 218 1.70 -5.40 -2.03
CA ALA A 218 1.27 -6.78 -1.86
C ALA A 218 -0.21 -6.97 -2.17
N THR A 219 -1.05 -6.00 -1.78
CA THR A 219 -2.49 -6.07 -2.04
C THR A 219 -2.75 -5.93 -3.54
N SER A 220 -1.89 -5.15 -4.20
CA SER A 220 -2.00 -4.96 -5.63
C SER A 220 -1.74 -6.28 -6.33
N TYR A 221 -0.69 -6.98 -5.88
CA TYR A 221 -0.32 -8.28 -6.41
C TYR A 221 -1.48 -9.24 -6.18
N LEU A 222 -1.99 -9.24 -4.96
CA LEU A 222 -3.11 -10.08 -4.55
C LEU A 222 -4.34 -9.83 -5.41
N SER A 223 -4.46 -8.62 -5.97
CA SER A 223 -5.61 -8.28 -6.81
C SER A 223 -5.38 -8.59 -8.29
N HIS A 224 -4.27 -8.10 -8.83
CA HIS A 224 -3.97 -8.30 -10.25
C HIS A 224 -3.48 -9.70 -10.63
N GLN A 225 -2.63 -10.30 -9.81
CA GLN A 225 -2.06 -11.62 -10.09
C GLN A 225 -2.81 -12.82 -9.52
N LEU A 226 -3.36 -12.69 -8.31
CA LEU A 226 -4.06 -13.82 -7.70
C LEU A 226 -5.58 -13.75 -7.89
N ASP A 227 -6.06 -12.64 -8.46
CA ASP A 227 -7.48 -12.40 -8.74
C ASP A 227 -8.40 -12.53 -7.52
N PHE A 228 -7.93 -12.02 -6.38
CA PHE A 228 -8.67 -12.06 -5.14
C PHE A 228 -9.51 -10.79 -5.07
N ASN A 229 -10.55 -10.72 -5.89
CA ASN A 229 -11.41 -9.54 -5.94
C ASN A 229 -12.85 -9.72 -5.48
N VAL A 230 -13.26 -10.97 -5.27
CA VAL A 230 -14.61 -11.31 -4.80
C VAL A 230 -14.51 -12.39 -3.72
N LEU A 231 -15.15 -12.15 -2.59
CA LEU A 231 -15.15 -13.10 -1.48
C LEU A 231 -16.53 -13.14 -0.82
N ASN A 232 -17.19 -14.29 -0.97
CA ASN A 232 -18.55 -14.52 -0.44
C ASN A 232 -19.58 -13.69 -1.20
N ASN A 233 -19.35 -13.55 -2.50
CA ASN A 233 -20.21 -12.75 -3.39
C ASN A 233 -20.22 -11.27 -2.97
N LYS A 234 -19.07 -10.80 -2.53
CA LYS A 234 -18.90 -9.43 -2.09
C LYS A 234 -17.58 -8.91 -2.63
N PRO A 235 -17.59 -7.68 -3.17
CA PRO A 235 -16.34 -7.09 -3.64
C PRO A 235 -15.35 -6.94 -2.49
N VAL A 236 -14.13 -7.39 -2.70
CA VAL A 236 -13.10 -7.31 -1.69
C VAL A 236 -12.64 -5.87 -1.52
N SER A 237 -12.52 -5.45 -0.27
CA SER A 237 -12.08 -4.10 0.05
C SER A 237 -10.57 -4.08 0.29
N LEU A 238 -9.98 -2.88 0.24
CA LEU A 238 -8.55 -2.73 0.47
C LEU A 238 -8.19 -3.18 1.89
N GLY A 239 -9.07 -2.88 2.84
CA GLY A 239 -8.89 -3.26 4.25
C GLY A 239 -8.80 -4.77 4.40
N GLN A 240 -9.73 -5.48 3.79
CA GLN A 240 -9.74 -6.94 3.85
C GLN A 240 -8.44 -7.49 3.29
N ALA A 241 -8.04 -6.98 2.13
CA ALA A 241 -6.82 -7.41 1.48
C ALA A 241 -5.60 -7.21 2.37
N LEU A 242 -5.52 -6.06 3.03
CA LEU A 242 -4.39 -5.78 3.93
C LEU A 242 -4.33 -6.75 5.10
N GLU A 243 -5.49 -7.06 5.67
CA GLU A 243 -5.59 -7.99 6.78
C GLU A 243 -5.06 -9.34 6.34
N VAL A 244 -5.56 -9.84 5.21
CA VAL A 244 -5.12 -11.12 4.67
C VAL A 244 -3.60 -11.14 4.47
N VAL A 245 -3.06 -10.09 3.87
CA VAL A 245 -1.62 -9.98 3.62
C VAL A 245 -0.83 -10.01 4.95
N ILE A 246 -1.34 -9.28 5.94
CA ILE A 246 -0.69 -9.23 7.25
C ILE A 246 -0.74 -10.60 7.90
N GLN A 247 -1.92 -11.22 7.87
CA GLN A 247 -2.12 -12.54 8.44
C GLN A 247 -1.14 -13.52 7.82
N LEU A 248 -0.95 -13.43 6.52
CA LEU A 248 -0.03 -14.29 5.79
C LEU A 248 1.44 -14.02 6.14
N GLN A 249 1.73 -12.80 6.59
CA GLN A 249 3.11 -12.45 6.97
C GLN A 249 3.37 -12.97 8.37
N GLU A 250 2.30 -13.09 9.15
CA GLU A 250 2.40 -13.62 10.50
C GLU A 250 2.55 -15.14 10.37
N LYS A 251 1.90 -15.71 9.35
CA LYS A 251 1.96 -17.14 9.06
C LYS A 251 3.37 -17.55 8.63
N HIS A 252 4.01 -16.72 7.81
CA HIS A 252 5.35 -17.02 7.34
C HIS A 252 6.34 -17.01 8.49
N VAL A 253 6.20 -16.04 9.39
CA VAL A 253 7.06 -15.92 10.55
C VAL A 253 6.97 -17.20 11.38
N LYS A 254 5.75 -17.68 11.57
CA LYS A 254 5.50 -18.89 12.34
C LYS A 254 5.99 -20.14 11.59
N ASP A 255 5.89 -20.12 10.26
CA ASP A 255 6.35 -21.24 9.44
C ASP A 255 7.88 -21.38 9.50
N GLU A 256 8.57 -20.23 9.46
CA GLU A 256 10.04 -20.20 9.52
C GLU A 256 10.49 -20.67 10.89
N GLN A 257 9.76 -20.27 11.93
CA GLN A 257 10.07 -20.65 13.29
C GLN A 257 10.01 -22.18 13.39
N ILE A 258 8.89 -22.75 12.96
CA ILE A 258 8.69 -24.20 12.98
C ILE A 258 9.82 -24.97 12.29
N GLU A 259 10.14 -24.60 11.05
CA GLU A 259 11.21 -25.31 10.32
C GLU A 259 12.60 -25.13 10.95
N HIS A 260 12.79 -24.06 11.72
CA HIS A 260 14.06 -23.81 12.39
C HIS A 260 14.21 -24.77 13.57
N TRP A 261 13.16 -24.89 14.37
CA TRP A 261 13.16 -25.78 15.52
C TRP A 261 13.09 -27.25 15.07
N LYS A 262 12.66 -27.48 13.83
CA LYS A 262 12.58 -28.84 13.28
C LYS A 262 13.94 -29.28 12.79
N LYS A 263 14.79 -28.32 12.43
CA LYS A 263 16.15 -28.61 11.97
C LYS A 263 16.96 -28.95 13.21
N ILE A 264 16.62 -28.30 14.32
CA ILE A 264 17.28 -28.53 15.59
C ILE A 264 16.99 -29.97 16.08
N VAL A 265 15.72 -30.37 16.10
CA VAL A 265 15.35 -31.72 16.55
C VAL A 265 15.99 -32.80 15.66
N LYS A 266 15.91 -32.60 14.35
CA LYS A 266 16.47 -33.56 13.39
C LYS A 266 17.95 -33.81 13.73
N THR A 267 18.69 -32.73 13.95
CA THR A 267 20.11 -32.78 14.29
C THR A 267 20.29 -33.36 15.69
N GLN A 268 19.39 -32.98 16.60
CA GLN A 268 19.45 -33.46 17.97
C GLN A 268 19.14 -34.95 18.02
N GLU A 269 18.44 -35.45 17.00
CA GLU A 269 18.10 -36.87 16.92
C GLU A 269 19.28 -37.63 16.31
N GLU A 270 20.10 -36.91 15.54
CA GLU A 270 21.29 -37.49 14.95
C GLU A 270 22.26 -37.71 16.10
N LEU A 271 22.23 -36.78 17.05
CA LEU A 271 23.06 -36.82 18.24
C LEU A 271 22.62 -37.98 19.13
N LYS A 272 21.32 -38.13 19.31
CA LYS A 272 20.75 -39.20 20.12
C LYS A 272 21.26 -40.56 19.64
N GLU A 273 21.20 -40.78 18.32
CA GLU A 273 21.65 -42.03 17.71
C GLU A 273 23.15 -42.22 17.85
N LEU A 274 23.91 -41.14 17.67
CA LEU A 274 25.36 -41.18 17.79
C LEU A 274 25.79 -41.50 19.22
N LEU A 275 25.15 -40.85 20.19
CA LEU A 275 25.47 -41.07 21.59
C LEU A 275 25.11 -42.51 22.01
N ASN A 276 24.04 -43.05 21.42
CA ASN A 276 23.64 -44.43 21.73
C ASN A 276 24.68 -45.41 21.21
N LYS A 277 25.26 -45.08 20.05
CA LYS A 277 26.30 -45.91 19.46
C LYS A 277 27.54 -45.85 20.36
N MET A 278 27.96 -44.63 20.67
CA MET A 278 29.12 -44.37 21.51
C MET A 278 29.05 -45.07 22.87
N VAL A 279 27.88 -45.03 23.51
CA VAL A 279 27.69 -45.67 24.82
C VAL A 279 27.85 -47.18 24.73
N ASN A 280 27.30 -47.78 23.68
CA ASN A 280 27.39 -49.22 23.46
C ASN A 280 28.80 -49.63 23.05
N LEU A 281 29.47 -48.76 22.29
CA LEU A 281 30.84 -49.02 21.85
C LEU A 281 31.79 -48.91 23.02
N LYS A 282 31.50 -47.98 23.94
CA LYS A 282 32.32 -47.78 25.13
C LYS A 282 32.22 -49.03 26.00
N GLU A 283 31.06 -49.69 25.98
CA GLU A 283 30.83 -50.91 26.75
C GLU A 283 31.57 -52.07 26.10
N LYS A 284 31.55 -52.09 24.77
CA LYS A 284 32.22 -53.12 23.98
C LYS A 284 33.71 -53.04 24.28
N ILE A 285 34.23 -51.82 24.27
CA ILE A 285 35.64 -51.53 24.52
C ILE A 285 36.07 -51.88 25.96
N LYS A 286 35.19 -51.64 26.92
CA LYS A 286 35.45 -51.94 28.33
C LYS A 286 35.59 -53.45 28.54
N GLU A 287 34.64 -54.20 27.98
CA GLU A 287 34.59 -55.66 28.07
C GLU A 287 35.78 -56.30 27.35
N LEU A 288 36.15 -55.73 26.21
CA LEU A 288 37.27 -56.24 25.43
C LEU A 288 38.60 -55.97 26.16
N HIS A 289 38.68 -54.84 26.85
CA HIS A 289 39.87 -54.47 27.59
C HIS A 289 40.13 -55.45 28.72
N GLN A 290 39.05 -55.90 29.34
CA GLN A 290 39.12 -56.86 30.43
C GLN A 290 39.67 -58.17 29.86
N GLN A 291 39.09 -58.59 28.74
CA GLN A 291 39.49 -59.82 28.06
C GLN A 291 40.96 -59.82 27.69
N TYR A 292 41.46 -58.68 27.23
CA TYR A 292 42.86 -58.53 26.87
C TYR A 292 43.72 -58.66 28.11
N LYS A 293 43.29 -58.03 29.20
CA LYS A 293 44.03 -58.07 30.45
C LYS A 293 44.13 -59.50 31.00
N GLU A 294 43.06 -60.27 30.83
CA GLU A 294 43.02 -61.66 31.28
C GLU A 294 43.92 -62.54 30.42
N ALA A 295 43.95 -62.25 29.12
CA ALA A 295 44.78 -62.99 28.19
C ALA A 295 46.23 -62.59 28.44
N SER A 296 46.41 -61.32 28.81
CA SER A 296 47.72 -60.74 29.12
C SER A 296 48.30 -61.32 30.41
N GLU A 297 47.44 -61.86 31.27
CA GLU A 297 47.86 -62.46 32.54
C GLU A 297 48.75 -63.65 32.22
N VAL A 298 48.23 -64.62 31.46
CA VAL A 298 48.97 -65.82 31.05
C VAL A 298 50.37 -65.37 30.64
N LYS A 299 51.31 -65.59 31.55
CA LYS A 299 52.70 -65.18 31.34
C LYS A 299 53.50 -66.04 30.38
N PRO A 300 54.38 -65.39 29.58
CA PRO A 300 55.37 -66.04 28.74
C PRO A 300 56.17 -67.12 29.50
N PRO A 301 56.68 -68.12 28.77
CA PRO A 301 56.37 -68.29 27.35
C PRO A 301 55.06 -69.06 27.22
N ARG A 302 54.33 -68.80 26.13
CA ARG A 302 53.04 -69.45 25.93
C ARG A 302 52.91 -70.09 24.56
N ASP A 303 51.93 -71.00 24.43
CA ASP A 303 51.69 -71.66 23.15
C ASP A 303 51.20 -70.60 22.15
N ILE A 304 51.12 -70.94 20.88
CA ILE A 304 50.70 -69.98 19.88
C ILE A 304 49.25 -69.48 19.94
N THR A 305 48.33 -70.28 20.46
CA THR A 305 46.93 -69.87 20.57
C THR A 305 46.76 -68.81 21.66
N ALA A 306 47.47 -68.99 22.76
CA ALA A 306 47.44 -68.06 23.88
C ALA A 306 48.06 -66.73 23.41
N GLU A 307 49.11 -66.83 22.61
CA GLU A 307 49.79 -65.66 22.06
C GLU A 307 48.87 -65.00 21.05
N PHE A 308 48.19 -65.81 20.24
CA PHE A 308 47.26 -65.28 19.25
C PHE A 308 46.15 -64.52 19.94
N LEU A 309 45.62 -65.11 21.01
CA LEU A 309 44.54 -64.50 21.77
C LEU A 309 44.93 -63.08 22.19
N VAL A 310 46.11 -62.94 22.79
CA VAL A 310 46.62 -61.64 23.23
C VAL A 310 46.69 -60.66 22.06
N LYS A 311 47.43 -61.06 21.02
CA LYS A 311 47.63 -60.25 19.82
C LYS A 311 46.34 -59.86 19.09
N SER A 312 45.42 -60.82 18.93
CA SER A 312 44.16 -60.54 18.25
C SER A 312 43.30 -59.55 19.03
N LYS A 313 43.12 -59.79 20.32
CA LYS A 313 42.34 -58.90 21.17
C LYS A 313 42.97 -57.51 21.18
N HIS A 314 44.29 -57.44 21.06
CA HIS A 314 45.01 -56.17 21.04
C HIS A 314 44.58 -55.38 19.81
N ARG A 315 44.61 -56.06 18.66
CA ARG A 315 44.22 -55.47 17.38
C ARG A 315 42.75 -55.03 17.38
N ASP A 316 41.87 -55.95 17.78
CA ASP A 316 40.44 -55.70 17.82
C ASP A 316 40.14 -54.49 18.68
N LEU A 317 40.86 -54.34 19.78
CA LEU A 317 40.68 -53.22 20.68
C LEU A 317 41.13 -51.92 20.00
N THR A 318 42.26 -51.99 19.28
CA THR A 318 42.80 -50.82 18.58
C THR A 318 41.79 -50.31 17.56
N ALA A 319 41.19 -51.23 16.81
CA ALA A 319 40.19 -50.92 15.79
C ALA A 319 38.97 -50.23 16.41
N LEU A 320 38.44 -50.84 17.48
CA LEU A 320 37.27 -50.28 18.17
C LEU A 320 37.56 -48.93 18.80
N CYS A 321 38.81 -48.71 19.22
CA CYS A 321 39.21 -47.43 19.82
C CYS A 321 39.30 -46.36 18.74
N LYS A 322 39.58 -46.80 17.52
CA LYS A 322 39.68 -45.89 16.40
C LYS A 322 38.26 -45.46 16.04
N GLU A 323 37.35 -46.44 16.02
CA GLU A 323 35.93 -46.20 15.73
C GLU A 323 35.32 -45.17 16.68
N TYR A 324 35.61 -45.32 17.97
CA TYR A 324 35.10 -44.41 18.99
C TYR A 324 35.61 -42.99 18.76
N ASP A 325 36.87 -42.87 18.34
CA ASP A 325 37.47 -41.56 18.09
C ASP A 325 36.83 -40.83 16.91
N GLU A 326 36.37 -41.59 15.93
CA GLU A 326 35.72 -41.03 14.74
C GLU A 326 34.30 -40.59 15.09
N LEU A 327 33.67 -41.31 16.01
CA LEU A 327 32.32 -40.99 16.46
C LEU A 327 32.37 -39.78 17.39
N ALA A 328 33.48 -39.65 18.13
CA ALA A 328 33.67 -38.53 19.04
C ALA A 328 33.99 -37.28 18.22
N GLU A 329 34.51 -37.52 17.02
CA GLU A 329 34.86 -36.48 16.06
C GLU A 329 33.56 -35.91 15.48
N THR A 330 32.60 -36.81 15.25
CA THR A 330 31.29 -36.46 14.72
C THR A 330 30.44 -35.81 15.81
N GLN A 331 30.66 -36.22 17.06
CA GLN A 331 29.93 -35.67 18.20
C GLN A 331 30.21 -34.18 18.38
N GLY A 332 31.46 -33.78 18.18
CA GLY A 332 31.87 -32.38 18.31
C GLY A 332 31.35 -31.50 17.19
N LYS A 333 31.12 -32.10 16.02
CA LYS A 333 30.61 -31.38 14.85
C LYS A 333 29.13 -31.06 14.99
N LEU A 334 28.36 -32.04 15.46
CA LEU A 334 26.93 -31.86 15.66
C LEU A 334 26.66 -30.96 16.86
N GLU A 335 27.47 -31.10 17.89
CA GLU A 335 27.34 -30.31 19.12
C GLU A 335 27.47 -28.82 18.87
N GLU A 336 28.39 -28.43 17.98
CA GLU A 336 28.61 -27.03 17.66
C GLU A 336 27.59 -26.55 16.61
N LYS A 337 27.09 -27.48 15.81
CA LYS A 337 26.11 -27.20 14.78
C LYS A 337 24.81 -26.78 15.47
N LEU A 338 24.56 -27.37 16.64
CA LEU A 338 23.38 -27.07 17.46
C LEU A 338 23.53 -25.74 18.19
N GLN A 339 24.77 -25.38 18.50
CA GLN A 339 25.06 -24.13 19.19
C GLN A 339 24.91 -22.95 18.24
N GLU A 340 25.13 -23.24 16.95
CA GLU A 340 25.03 -22.25 15.89
C GLU A 340 23.57 -21.96 15.58
N LEU A 341 22.77 -23.03 15.49
CA LEU A 341 21.35 -22.90 15.20
C LEU A 341 20.62 -22.23 16.36
N GLU A 342 20.94 -22.64 17.59
CA GLU A 342 20.32 -22.06 18.78
C GLU A 342 20.65 -20.57 18.91
N ALA A 343 21.76 -20.16 18.30
CA ALA A 343 22.20 -18.77 18.32
C ALA A 343 21.65 -17.98 17.12
N ASN A 344 21.01 -18.69 16.19
CA ASN A 344 20.42 -18.09 14.99
C ASN A 344 18.90 -18.23 14.88
N PRO A 345 18.14 -17.68 15.85
CA PRO A 345 16.69 -17.81 15.69
C PRO A 345 16.20 -16.86 14.60
N PRO A 346 15.13 -17.25 13.89
CA PRO A 346 14.50 -16.33 12.96
C PRO A 346 13.74 -15.26 13.75
N SER A 347 13.05 -14.37 13.05
CA SER A 347 12.28 -13.31 13.69
C SER A 347 11.18 -13.88 14.59
N ASP A 348 11.00 -13.25 15.74
CA ASP A 348 10.00 -13.65 16.73
C ASP A 348 8.55 -13.27 16.37
N VAL A 349 8.39 -12.07 15.82
CA VAL A 349 7.08 -11.56 15.41
C VAL A 349 7.20 -10.87 14.07
N TYR A 350 6.06 -10.72 13.38
CA TYR A 350 6.06 -10.02 12.11
C TYR A 350 6.12 -8.52 12.48
N LEU A 351 5.30 -8.14 13.45
CA LEU A 351 5.25 -6.76 13.95
C LEU A 351 4.90 -6.75 15.43
N SER A 352 5.67 -5.98 16.20
CA SER A 352 5.42 -5.84 17.62
C SER A 352 4.25 -4.90 17.83
N SER A 353 3.80 -4.77 19.08
CA SER A 353 2.69 -3.89 19.42
C SER A 353 2.98 -2.46 18.98
N ARG A 354 4.21 -2.01 19.18
CA ARG A 354 4.62 -0.66 18.79
C ARG A 354 4.68 -0.56 17.28
N ASP A 355 5.13 -1.63 16.63
CA ASP A 355 5.21 -1.65 15.18
C ASP A 355 3.81 -1.50 14.60
N ARG A 356 2.85 -2.23 15.18
CA ARG A 356 1.46 -2.20 14.73
C ARG A 356 0.82 -0.81 14.90
N GLN A 357 1.10 -0.15 16.02
CA GLN A 357 0.54 1.18 16.27
C GLN A 357 1.04 2.20 15.27
N ILE A 358 2.33 2.11 14.91
CA ILE A 358 2.93 3.02 13.95
C ILE A 358 2.39 2.74 12.56
N LEU A 359 2.14 1.46 12.28
CA LEU A 359 1.59 1.07 10.99
C LEU A 359 0.16 1.61 10.85
N ASP A 360 -0.59 1.56 11.94
CA ASP A 360 -1.95 2.06 11.99
C ASP A 360 -1.99 3.56 11.69
N TRP A 361 -0.88 4.25 11.95
CA TRP A 361 -0.82 5.68 11.67
C TRP A 361 -0.76 5.88 10.18
N HIS A 362 -0.01 5.01 9.49
CA HIS A 362 0.11 5.08 8.04
C HIS A 362 -1.24 4.75 7.39
N PHE A 363 -1.95 3.80 8.00
CA PHE A 363 -3.28 3.41 7.51
C PHE A 363 -4.25 4.58 7.72
N ALA A 364 -4.12 5.26 8.85
CA ALA A 364 -4.97 6.40 9.15
C ALA A 364 -4.69 7.49 8.13
N ASN A 365 -3.42 7.65 7.80
CA ASN A 365 -3.00 8.65 6.81
C ASN A 365 -3.69 8.40 5.49
N LEU A 366 -3.76 7.13 5.11
CA LEU A 366 -4.41 6.70 3.88
C LEU A 366 -5.92 6.89 4.00
N GLU A 367 -6.44 6.68 5.21
CA GLU A 367 -7.86 6.85 5.46
C GLU A 367 -8.21 8.33 5.34
N PHE A 368 -7.24 9.18 5.67
CA PHE A 368 -7.42 10.62 5.55
C PHE A 368 -7.46 10.98 4.08
N ALA A 369 -6.47 10.52 3.31
CA ALA A 369 -6.40 10.79 1.88
C ALA A 369 -7.72 10.48 1.17
N ASN A 370 -8.27 9.30 1.47
CA ASN A 370 -9.51 8.88 0.84
C ASN A 370 -10.78 9.20 1.61
N ALA A 371 -10.64 9.92 2.71
CA ALA A 371 -11.77 10.30 3.57
C ALA A 371 -12.71 9.12 3.85
N THR A 372 -12.14 7.96 4.11
CA THR A 372 -12.95 6.78 4.36
C THR A 372 -12.12 5.68 5.01
N PRO A 373 -12.76 4.85 5.86
CA PRO A 373 -12.11 3.67 6.43
C PRO A 373 -11.68 2.74 5.30
N LEU A 374 -10.50 2.14 5.43
CA LEU A 374 -9.98 1.23 4.40
C LEU A 374 -10.88 0.05 4.04
N SER A 375 -11.82 -0.30 4.91
CA SER A 375 -12.71 -1.42 4.65
C SER A 375 -13.83 -1.08 3.67
N THR A 376 -13.89 0.18 3.24
CA THR A 376 -14.91 0.61 2.30
C THR A 376 -14.36 0.80 0.89
N LEU A 377 -13.04 0.94 0.78
CA LEU A 377 -12.38 1.15 -0.50
C LEU A 377 -12.30 -0.07 -1.39
N SER A 378 -12.58 0.12 -2.67
CA SER A 378 -12.52 -0.95 -3.63
C SER A 378 -11.07 -1.38 -3.73
N LEU A 379 -10.81 -2.69 -3.62
CA LEU A 379 -9.43 -3.16 -3.71
C LEU A 379 -8.93 -2.98 -5.15
N LYS A 380 -9.76 -3.39 -6.10
CA LYS A 380 -9.42 -3.31 -7.50
C LYS A 380 -9.22 -1.90 -8.05
N HIS A 381 -9.99 -0.92 -7.55
CA HIS A 381 -9.90 0.45 -8.09
C HIS A 381 -9.57 1.66 -7.20
N TRP A 382 -9.35 1.47 -5.91
CA TRP A 382 -9.08 2.63 -5.03
C TRP A 382 -8.05 3.64 -5.56
N ASP A 383 -7.09 3.16 -6.33
CA ASP A 383 -6.04 4.01 -6.91
C ASP A 383 -6.16 4.12 -8.43
N GLN A 384 -7.38 4.17 -8.93
CA GLN A 384 -7.62 4.26 -10.38
C GLN A 384 -7.12 5.56 -11.03
N ASP A 385 -7.13 6.65 -10.27
CA ASP A 385 -6.72 7.95 -10.77
C ASP A 385 -5.26 8.29 -10.50
N ASP A 386 -4.53 7.30 -9.99
CA ASP A 386 -3.12 7.47 -9.65
C ASP A 386 -2.24 8.09 -10.74
N ASP A 387 -2.32 7.54 -11.96
CA ASP A 387 -1.52 8.02 -13.09
C ASP A 387 -1.79 9.46 -13.54
N PHE A 388 -2.75 10.15 -12.90
CA PHE A 388 -3.07 11.52 -13.29
C PHE A 388 -2.61 12.57 -12.31
N GLU A 389 -1.90 12.15 -11.26
CA GLU A 389 -1.39 13.08 -10.26
C GLU A 389 -0.51 14.14 -10.90
N PHE A 390 -0.62 15.37 -10.41
CA PHE A 390 0.19 16.46 -10.95
C PHE A 390 1.63 16.39 -10.42
N THR A 391 2.54 17.03 -11.14
CA THR A 391 3.94 17.06 -10.72
C THR A 391 4.19 18.38 -10.00
N GLY A 392 5.22 18.39 -9.17
CA GLY A 392 5.57 19.57 -8.40
C GLY A 392 5.23 19.32 -6.95
N SER A 393 5.71 20.21 -6.09
CA SER A 393 5.46 20.09 -4.67
C SER A 393 4.06 20.56 -4.31
N HIS A 394 3.48 19.91 -3.31
CA HIS A 394 2.14 20.26 -2.82
C HIS A 394 2.26 21.59 -2.10
N LEU A 395 1.22 22.42 -2.21
CA LEU A 395 1.23 23.74 -1.60
C LEU A 395 -0.03 23.98 -0.77
N THR A 396 -0.01 25.06 0.01
CA THR A 396 -1.16 25.44 0.83
C THR A 396 -1.50 26.86 0.47
N VAL A 397 -2.75 27.25 0.69
CA VAL A 397 -3.22 28.59 0.39
C VAL A 397 -3.13 29.36 1.71
N ARG A 398 -2.02 30.06 1.87
CA ARG A 398 -1.74 30.82 3.09
C ARG A 398 -2.76 31.90 3.42
N ASN A 399 -3.41 32.45 2.38
CA ASN A 399 -4.40 33.50 2.58
C ASN A 399 -5.85 32.96 2.57
N GLY A 400 -5.99 31.64 2.75
CA GLY A 400 -7.28 30.98 2.78
C GLY A 400 -7.83 30.68 1.40
N TYR A 401 -8.13 29.40 1.17
CA TYR A 401 -8.64 28.94 -0.13
C TYR A 401 -9.89 29.67 -0.62
N SER A 402 -10.71 30.19 0.30
CA SER A 402 -11.95 30.89 -0.09
C SER A 402 -11.76 32.07 -1.03
N CYS A 403 -10.53 32.57 -1.15
CA CYS A 403 -10.27 33.70 -2.04
C CYS A 403 -10.62 33.30 -3.46
N VAL A 404 -10.50 32.01 -3.75
CA VAL A 404 -10.81 31.44 -5.07
C VAL A 404 -12.30 31.53 -5.43
N PRO A 405 -13.18 30.84 -4.68
CA PRO A 405 -14.60 31.03 -4.94
C PRO A 405 -15.08 32.48 -4.88
N VAL A 406 -14.64 33.24 -3.88
CA VAL A 406 -15.07 34.63 -3.77
C VAL A 406 -14.73 35.39 -5.05
N ALA A 407 -13.52 35.20 -5.55
CA ALA A 407 -13.09 35.86 -6.78
C ALA A 407 -13.91 35.39 -7.96
N LEU A 408 -14.20 34.08 -8.02
CA LEU A 408 -15.00 33.51 -9.11
C LEU A 408 -16.44 33.98 -9.08
N ALA A 409 -16.93 34.39 -7.90
CA ALA A 409 -18.30 34.86 -7.76
C ALA A 409 -18.56 36.24 -8.35
N GLU A 410 -17.50 37.03 -8.51
CA GLU A 410 -17.59 38.39 -9.04
C GLU A 410 -18.34 38.51 -10.35
N GLY A 411 -19.42 39.27 -10.34
CA GLY A 411 -20.21 39.49 -11.55
C GLY A 411 -21.28 38.46 -11.87
N LEU A 412 -21.48 37.50 -10.96
CA LEU A 412 -22.48 36.47 -11.16
C LEU A 412 -23.75 36.69 -10.36
N ASP A 413 -24.86 36.18 -10.88
CA ASP A 413 -26.16 36.29 -10.23
C ASP A 413 -26.31 35.10 -9.28
N ILE A 414 -26.02 35.33 -8.01
CA ILE A 414 -26.09 34.28 -7.00
C ILE A 414 -27.15 34.54 -5.93
N LYS A 415 -28.10 33.61 -5.80
CA LYS A 415 -29.14 33.71 -4.78
C LYS A 415 -28.70 32.87 -3.59
N LEU A 416 -28.21 33.52 -2.54
CA LEU A 416 -27.78 32.81 -1.35
C LEU A 416 -29.00 32.44 -0.50
N ASN A 417 -28.81 31.60 0.50
CA ASN A 417 -29.92 31.17 1.36
C ASN A 417 -31.14 30.67 0.60
N THR A 418 -30.87 29.99 -0.51
CA THR A 418 -31.89 29.46 -1.38
C THR A 418 -31.68 27.95 -1.52
N ALA A 419 -32.42 27.18 -0.74
CA ALA A 419 -32.31 25.73 -0.74
C ALA A 419 -33.19 25.10 -1.81
N VAL A 420 -32.56 24.50 -2.82
CA VAL A 420 -33.33 23.85 -3.87
C VAL A 420 -34.06 22.67 -3.24
N ARG A 421 -35.34 22.55 -3.58
CA ARG A 421 -36.21 21.49 -3.08
C ARG A 421 -36.65 20.52 -4.16
N GLN A 422 -36.98 21.05 -5.33
CA GLN A 422 -37.46 20.22 -6.42
C GLN A 422 -36.92 20.64 -7.78
N VAL A 423 -36.63 19.65 -8.61
CA VAL A 423 -36.14 19.90 -9.97
C VAL A 423 -37.09 19.21 -10.96
N ARG A 424 -37.81 20.04 -11.72
CA ARG A 424 -38.77 19.59 -12.73
C ARG A 424 -38.17 19.83 -14.10
N TYR A 425 -38.16 18.79 -14.93
CA TYR A 425 -37.58 18.90 -16.25
C TYR A 425 -38.45 18.16 -17.27
N THR A 426 -38.79 18.86 -18.34
CA THR A 426 -39.64 18.30 -19.39
C THR A 426 -39.09 18.67 -20.76
N ALA A 427 -39.76 18.21 -21.81
CA ALA A 427 -39.36 18.47 -23.20
C ALA A 427 -39.28 19.93 -23.62
N SER A 428 -40.04 20.80 -22.96
CA SER A 428 -40.06 22.22 -23.31
C SER A 428 -39.22 23.09 -22.38
N GLY A 429 -38.77 22.53 -21.28
CA GLY A 429 -37.96 23.29 -20.35
C GLY A 429 -37.96 22.73 -18.93
N CYS A 430 -37.42 23.54 -18.02
CA CYS A 430 -37.32 23.14 -16.63
C CYS A 430 -37.77 24.22 -15.67
N GLU A 431 -38.13 23.79 -14.47
CA GLU A 431 -38.49 24.70 -13.40
C GLU A 431 -37.94 24.12 -12.10
N VAL A 432 -37.27 24.97 -11.35
CA VAL A 432 -36.64 24.59 -10.09
C VAL A 432 -37.35 25.28 -8.94
N ILE A 433 -37.79 24.48 -7.97
CA ILE A 433 -38.49 24.99 -6.80
C ILE A 433 -37.54 25.03 -5.61
N ALA A 434 -37.36 26.23 -5.06
CA ALA A 434 -36.48 26.45 -3.91
C ALA A 434 -37.14 27.32 -2.84
N VAL A 435 -36.64 27.20 -1.60
CA VAL A 435 -37.17 27.97 -0.49
C VAL A 435 -36.10 28.81 0.19
N ASN A 436 -36.55 29.77 1.01
CA ASN A 436 -35.67 30.63 1.77
C ASN A 436 -35.24 29.82 2.99
N THR A 437 -33.94 29.68 3.20
CA THR A 437 -33.45 28.90 4.34
C THR A 437 -33.79 29.54 5.69
N ARG A 438 -33.96 30.86 5.69
CA ARG A 438 -34.27 31.62 6.89
C ARG A 438 -35.77 31.53 7.24
N SER A 439 -36.62 31.43 6.21
CA SER A 439 -38.07 31.28 6.40
C SER A 439 -38.56 30.33 5.30
N THR A 440 -38.53 29.04 5.60
CA THR A 440 -38.89 27.95 4.67
C THR A 440 -40.20 28.04 3.89
N SER A 441 -41.16 28.81 4.39
CA SER A 441 -42.45 28.95 3.73
C SER A 441 -42.35 29.76 2.44
N GLN A 442 -41.46 30.77 2.44
CA GLN A 442 -41.25 31.63 1.27
C GLN A 442 -40.68 30.80 0.11
N THR A 443 -41.50 30.59 -0.91
CA THR A 443 -41.14 29.77 -2.07
C THR A 443 -40.69 30.52 -3.33
N PHE A 444 -39.73 29.92 -4.05
CA PHE A 444 -39.22 30.50 -5.28
C PHE A 444 -39.31 29.54 -6.48
N ILE A 445 -39.69 30.07 -7.63
CA ILE A 445 -39.82 29.29 -8.85
C ILE A 445 -38.91 29.88 -9.92
N TYR A 446 -38.06 29.04 -10.50
CA TYR A 446 -37.15 29.48 -11.54
C TYR A 446 -37.36 28.63 -12.78
N LYS A 447 -37.71 29.28 -13.87
CA LYS A 447 -37.94 28.58 -15.13
C LYS A 447 -36.66 28.73 -15.95
N CYS A 448 -36.29 27.67 -16.66
CA CYS A 448 -35.08 27.70 -17.47
C CYS A 448 -35.09 26.64 -18.56
N ASP A 449 -34.16 26.78 -19.50
CA ASP A 449 -34.02 25.83 -20.60
C ASP A 449 -33.24 24.61 -20.14
N ALA A 450 -32.36 24.81 -19.15
CA ALA A 450 -31.51 23.75 -18.61
C ALA A 450 -31.11 23.98 -17.15
N VAL A 451 -30.86 22.87 -16.46
CA VAL A 451 -30.45 22.90 -15.07
C VAL A 451 -29.12 22.15 -14.94
N LEU A 452 -28.16 22.77 -14.26
CA LEU A 452 -26.88 22.15 -14.01
C LEU A 452 -26.86 21.88 -12.52
N CYS A 453 -26.89 20.60 -12.18
CA CYS A 453 -26.91 20.15 -10.79
C CYS A 453 -25.50 19.89 -10.29
N THR A 454 -25.10 20.57 -9.22
CA THR A 454 -23.75 20.36 -8.68
C THR A 454 -23.82 19.92 -7.22
N LEU A 455 -24.99 19.43 -6.83
CA LEU A 455 -25.23 18.94 -5.47
C LEU A 455 -24.21 17.87 -5.16
N PRO A 456 -23.65 17.90 -3.94
CA PRO A 456 -22.67 16.88 -3.61
C PRO A 456 -23.28 15.49 -3.63
N LEU A 457 -22.42 14.49 -3.79
CA LEU A 457 -22.86 13.11 -3.83
C LEU A 457 -23.63 12.76 -2.56
N GLY A 458 -23.16 13.29 -1.42
CA GLY A 458 -23.81 13.05 -0.13
C GLY A 458 -25.26 13.47 -0.15
N VAL A 459 -25.53 14.62 -0.74
CA VAL A 459 -26.88 15.14 -0.84
C VAL A 459 -27.72 14.24 -1.75
N LEU A 460 -27.16 13.86 -2.90
CA LEU A 460 -27.85 13.00 -3.86
C LEU A 460 -28.18 11.63 -3.27
N LYS A 461 -27.40 11.21 -2.28
CA LYS A 461 -27.60 9.93 -1.59
C LYS A 461 -28.68 9.99 -0.50
N GLN A 462 -28.92 11.18 0.03
CA GLN A 462 -29.87 11.39 1.12
C GLN A 462 -31.19 10.64 1.01
N GLN A 463 -31.54 9.93 2.09
CA GLN A 463 -32.79 9.18 2.18
C GLN A 463 -33.44 9.42 3.56
N PRO A 464 -34.67 9.96 3.57
CA PRO A 464 -35.42 10.32 2.37
C PRO A 464 -34.76 11.53 1.68
N PRO A 465 -34.97 11.68 0.36
CA PRO A 465 -34.26 12.71 -0.41
C PRO A 465 -34.50 14.13 0.09
N ALA A 466 -33.51 14.99 -0.11
CA ALA A 466 -33.59 16.40 0.30
C ALA A 466 -34.08 17.20 -0.89
N VAL A 467 -33.80 16.67 -2.09
CA VAL A 467 -34.18 17.30 -3.35
C VAL A 467 -34.87 16.24 -4.20
N GLN A 468 -36.07 16.55 -4.64
CA GLN A 468 -36.86 15.63 -5.45
C GLN A 468 -36.74 16.00 -6.93
N PHE A 469 -36.62 14.97 -7.77
CA PHE A 469 -36.53 15.15 -9.21
C PHE A 469 -37.81 14.66 -9.84
N VAL A 470 -38.37 15.47 -10.74
CA VAL A 470 -39.62 15.10 -11.41
C VAL A 470 -39.44 15.23 -12.92
N PRO A 471 -39.51 14.09 -13.65
CA PRO A 471 -39.68 12.73 -13.16
C PRO A 471 -38.44 12.23 -12.43
N PRO A 472 -38.57 11.14 -11.64
CA PRO A 472 -37.42 10.68 -10.86
C PRO A 472 -36.24 10.35 -11.76
N LEU A 473 -35.04 10.40 -11.20
CA LEU A 473 -33.86 10.06 -11.98
C LEU A 473 -33.98 8.60 -12.40
N PRO A 474 -33.47 8.22 -13.58
CA PRO A 474 -33.54 6.82 -13.97
C PRO A 474 -32.63 5.93 -13.13
N GLU A 475 -32.95 4.64 -13.08
CA GLU A 475 -32.18 3.67 -12.32
C GLU A 475 -30.68 3.71 -12.58
N TRP A 476 -30.28 3.85 -13.85
CA TRP A 476 -28.86 3.88 -14.15
C TRP A 476 -28.16 5.02 -13.38
N LYS A 477 -28.87 6.13 -13.21
CA LYS A 477 -28.30 7.24 -12.47
C LYS A 477 -28.34 6.97 -10.97
N THR A 478 -29.49 6.57 -10.44
CA THR A 478 -29.61 6.31 -9.00
C THR A 478 -28.70 5.20 -8.52
N SER A 479 -28.55 4.14 -9.32
CA SER A 479 -27.68 3.02 -8.96
C SER A 479 -26.25 3.47 -8.81
N ALA A 480 -25.81 4.38 -9.68
CA ALA A 480 -24.46 4.92 -9.59
C ALA A 480 -24.36 5.64 -8.26
N VAL A 481 -25.34 6.49 -7.98
CA VAL A 481 -25.41 7.25 -6.73
C VAL A 481 -25.29 6.34 -5.51
N GLN A 482 -25.99 5.20 -5.53
CA GLN A 482 -25.96 4.27 -4.40
C GLN A 482 -24.60 3.57 -4.25
N ARG A 483 -24.02 3.19 -5.38
CA ARG A 483 -22.73 2.49 -5.42
C ARG A 483 -21.54 3.35 -5.02
N MET A 484 -21.47 4.57 -5.53
CA MET A 484 -20.35 5.46 -5.25
C MET A 484 -20.20 5.74 -3.76
N GLY A 485 -18.98 5.81 -3.29
CA GLY A 485 -18.76 6.08 -1.90
C GLY A 485 -18.64 7.57 -1.65
N PHE A 486 -19.16 8.01 -0.50
CA PHE A 486 -19.06 9.39 -0.10
C PHE A 486 -18.50 9.40 1.31
N GLY A 487 -17.23 9.77 1.38
CA GLY A 487 -16.51 9.77 2.64
C GLY A 487 -16.67 10.94 3.58
N ASN A 488 -15.83 10.93 4.60
CA ASN A 488 -15.82 11.94 5.64
C ASN A 488 -14.43 12.08 6.26
N LEU A 489 -14.09 13.31 6.64
CA LEU A 489 -12.84 13.64 7.30
C LEU A 489 -13.08 15.00 7.92
N ASN A 490 -12.65 15.20 9.15
CA ASN A 490 -12.88 16.48 9.82
C ASN A 490 -11.61 17.18 10.30
N LYS A 491 -11.76 18.46 10.62
CA LYS A 491 -10.64 19.27 11.07
C LYS A 491 -10.91 20.02 12.37
N VAL A 492 -9.88 20.19 13.18
CA VAL A 492 -9.97 20.90 14.45
C VAL A 492 -8.98 22.06 14.39
N VAL A 493 -9.49 23.27 14.31
CA VAL A 493 -8.64 24.46 14.23
C VAL A 493 -8.33 24.97 15.63
N LEU A 494 -7.05 24.94 15.98
CA LEU A 494 -6.57 25.40 17.30
C LEU A 494 -5.76 26.69 17.17
N CYS A 495 -6.38 27.80 17.57
CA CYS A 495 -5.73 29.11 17.53
C CYS A 495 -5.05 29.49 18.85
N PHE A 496 -3.76 29.81 18.78
CA PHE A 496 -3.01 30.19 19.97
C PHE A 496 -2.42 31.60 19.87
N ASP A 497 -1.76 32.03 20.94
CA ASP A 497 -1.15 33.35 21.01
C ASP A 497 0.36 33.30 20.75
N ARG A 498 0.95 32.11 20.91
CA ARG A 498 2.37 31.90 20.71
C ARG A 498 2.70 30.54 20.08
N VAL A 499 3.86 30.46 19.42
CA VAL A 499 4.34 29.24 18.78
C VAL A 499 5.16 28.39 19.75
N PHE A 500 4.70 27.18 20.03
CA PHE A 500 5.41 26.27 20.94
C PHE A 500 5.84 24.99 20.24
N TRP A 501 5.80 25.02 18.91
CA TRP A 501 6.17 23.86 18.10
C TRP A 501 7.34 24.20 17.20
N ASP A 502 7.93 23.18 16.59
CA ASP A 502 9.05 23.35 15.69
C ASP A 502 8.57 24.05 14.42
N PRO A 503 9.01 25.30 14.21
CA PRO A 503 8.50 26.13 13.11
C PRO A 503 8.90 25.65 11.72
N SER A 504 10.02 24.93 11.62
CA SER A 504 10.51 24.40 10.34
C SER A 504 9.82 23.07 9.99
N VAL A 505 8.85 22.69 10.82
CA VAL A 505 8.09 21.45 10.64
C VAL A 505 6.62 21.78 10.36
N ASN A 506 6.21 21.60 9.09
CA ASN A 506 4.84 21.87 8.66
C ASN A 506 3.80 20.93 9.25
N LEU A 507 4.18 19.66 9.41
CA LEU A 507 3.28 18.64 9.94
C LEU A 507 3.95 17.60 10.83
N PHE A 508 3.20 17.12 11.82
CA PHE A 508 3.68 16.09 12.73
C PHE A 508 2.52 15.20 13.14
N GLY A 509 2.80 13.92 13.36
CA GLY A 509 1.76 12.98 13.72
C GLY A 509 1.70 12.46 15.14
N HIS A 510 0.53 12.00 15.53
CA HIS A 510 0.26 11.44 16.83
C HIS A 510 -0.22 10.01 16.59
N VAL A 511 0.48 9.04 17.19
CA VAL A 511 0.13 7.63 17.03
C VAL A 511 -0.84 7.17 18.09
N GLY A 512 -2.06 6.80 17.67
CA GLY A 512 -3.09 6.34 18.58
C GLY A 512 -2.72 5.03 19.24
N SER A 513 -3.35 4.72 20.36
CA SER A 513 -3.08 3.49 21.10
C SER A 513 -3.64 2.26 20.40
N THR A 514 -4.86 2.36 19.91
CA THR A 514 -5.53 1.25 19.25
C THR A 514 -5.80 1.47 17.76
N THR A 515 -6.10 0.38 17.07
CA THR A 515 -6.43 0.38 15.65
C THR A 515 -7.72 1.18 15.45
N ALA A 516 -8.70 0.91 16.29
CA ALA A 516 -9.99 1.58 16.24
C ALA A 516 -9.90 3.11 16.22
N SER A 517 -9.00 3.66 17.03
CA SER A 517 -8.82 5.11 17.12
C SER A 517 -7.64 5.69 16.31
N ARG A 518 -7.13 4.93 15.35
CA ARG A 518 -5.98 5.39 14.55
C ARG A 518 -6.12 6.79 13.91
N GLY A 519 -7.31 7.10 13.39
CA GLY A 519 -7.53 8.39 12.74
C GLY A 519 -7.90 9.55 13.66
N GLU A 520 -8.00 9.28 14.96
CA GLU A 520 -8.36 10.30 15.93
C GLU A 520 -7.22 11.27 16.22
N LEU A 521 -7.34 12.48 15.68
CA LEU A 521 -6.34 13.53 15.87
C LEU A 521 -4.94 12.98 15.64
N PHE A 522 -4.80 12.20 14.58
CA PHE A 522 -3.55 11.56 14.21
C PHE A 522 -2.53 12.48 13.54
N LEU A 523 -2.97 13.63 13.04
CA LEU A 523 -2.04 14.54 12.36
C LEU A 523 -2.31 16.02 12.61
N PHE A 524 -1.24 16.78 12.79
CA PHE A 524 -1.33 18.21 13.07
C PHE A 524 -0.64 19.06 12.01
N TRP A 525 -1.32 20.12 11.57
CA TRP A 525 -0.76 21.01 10.55
C TRP A 525 -0.40 22.38 11.12
N ASN A 526 0.77 22.86 10.71
CA ASN A 526 1.30 24.17 11.08
C ASN A 526 1.64 24.79 9.75
N LEU A 527 0.74 25.60 9.21
CA LEU A 527 0.97 26.18 7.88
C LEU A 527 0.65 27.66 7.66
N TYR A 528 0.05 28.32 8.65
CA TYR A 528 -0.32 29.70 8.44
C TYR A 528 0.58 30.76 9.12
N LYS A 529 0.35 32.02 8.75
CA LYS A 529 1.10 33.17 9.28
C LYS A 529 1.02 33.19 10.80
N ALA A 530 -0.21 33.27 11.30
CA ALA A 530 -0.51 33.28 12.73
C ALA A 530 -0.19 31.90 13.35
N PRO A 531 -0.05 31.84 14.69
CA PRO A 531 0.22 30.55 15.35
C PRO A 531 -1.03 29.67 15.42
N ILE A 532 -1.18 28.79 14.43
CA ILE A 532 -2.35 27.92 14.36
C ILE A 532 -1.96 26.47 14.15
N LEU A 533 -2.65 25.58 14.85
CA LEU A 533 -2.44 24.14 14.71
C LEU A 533 -3.76 23.55 14.24
N LEU A 534 -3.69 22.78 13.16
CA LEU A 534 -4.87 22.15 12.58
C LEU A 534 -4.79 20.64 12.77
N ALA A 535 -5.77 20.08 13.48
CA ALA A 535 -5.78 18.63 13.73
C ALA A 535 -6.77 17.87 12.84
N LEU A 536 -6.33 16.74 12.34
CA LEU A 536 -7.15 15.89 11.46
C LEU A 536 -7.86 14.74 12.16
N VAL A 537 -9.07 14.44 11.72
CA VAL A 537 -9.85 13.32 12.27
C VAL A 537 -10.28 12.49 11.07
N ALA A 538 -9.64 11.34 10.89
CA ALA A 538 -9.92 10.46 9.76
C ALA A 538 -10.48 9.08 10.12
N GLY A 539 -10.82 8.32 9.07
CA GLY A 539 -11.34 6.97 9.20
C GLY A 539 -12.59 6.88 10.04
N GLU A 540 -12.73 5.76 10.73
CA GLU A 540 -13.89 5.51 11.59
C GLU A 540 -14.09 6.58 12.67
N ALA A 541 -13.01 7.27 13.04
CA ALA A 541 -13.07 8.32 14.06
C ALA A 541 -13.91 9.51 13.60
N ALA A 542 -13.70 9.94 12.37
CA ALA A 542 -14.42 11.08 11.81
C ALA A 542 -15.92 11.05 12.10
N GLY A 543 -16.57 9.95 11.75
CA GLY A 543 -18.01 9.78 11.96
C GLY A 543 -18.44 9.75 13.41
N ILE A 544 -17.62 9.09 14.23
CA ILE A 544 -17.90 8.97 15.65
C ILE A 544 -17.69 10.29 16.40
N MET A 545 -16.61 11.00 16.07
CA MET A 545 -16.30 12.25 16.74
C MET A 545 -17.26 13.40 16.48
N GLU A 546 -18.09 13.27 15.46
CA GLU A 546 -19.07 14.33 15.16
C GLU A 546 -20.11 14.42 16.27
N ASN A 547 -20.29 13.32 16.99
CA ASN A 547 -21.22 13.25 18.11
C ASN A 547 -20.63 13.81 19.40
N ILE A 548 -19.31 13.85 19.46
CA ILE A 548 -18.60 14.38 20.61
C ILE A 548 -18.57 15.90 20.53
N SER A 549 -18.74 16.56 21.68
CA SER A 549 -18.74 18.02 21.75
C SER A 549 -17.35 18.63 21.54
N ASP A 550 -17.33 19.91 21.18
CA ASP A 550 -16.10 20.67 20.94
C ASP A 550 -15.13 20.59 22.13
N ASP A 551 -15.62 20.95 23.32
CA ASP A 551 -14.82 20.93 24.54
C ASP A 551 -14.05 19.63 24.72
N VAL A 552 -14.74 18.50 24.61
CA VAL A 552 -14.12 17.20 24.76
C VAL A 552 -13.08 16.99 23.65
N ILE A 553 -13.42 17.40 22.43
CA ILE A 553 -12.49 17.25 21.29
C ILE A 553 -11.23 18.07 21.53
N VAL A 554 -11.42 19.35 21.88
CA VAL A 554 -10.30 20.25 22.16
C VAL A 554 -9.48 19.71 23.34
N GLY A 555 -10.18 19.14 24.33
CA GLY A 555 -9.54 18.57 25.51
C GLY A 555 -8.55 17.50 25.09
N ARG A 556 -9.00 16.58 24.26
CA ARG A 556 -8.17 15.50 23.76
C ARG A 556 -6.97 16.03 22.97
N CYS A 557 -7.20 17.09 22.20
CA CYS A 557 -6.16 17.73 21.40
C CYS A 557 -5.07 18.28 22.31
N LEU A 558 -5.50 19.00 23.34
CA LEU A 558 -4.59 19.61 24.31
C LEU A 558 -3.79 18.53 25.03
N ALA A 559 -4.45 17.45 25.44
CA ALA A 559 -3.80 16.34 26.12
C ALA A 559 -2.64 15.82 25.28
N ILE A 560 -2.93 15.51 24.02
CA ILE A 560 -1.93 14.99 23.08
C ILE A 560 -0.73 15.93 22.95
N LEU A 561 -0.99 17.20 22.69
CA LEU A 561 0.05 18.21 22.53
C LEU A 561 0.88 18.39 23.80
N LYS A 562 0.23 18.29 24.96
CA LYS A 562 0.94 18.41 26.23
C LYS A 562 1.96 17.29 26.36
N GLY A 563 1.52 16.06 26.10
CA GLY A 563 2.39 14.89 26.15
C GLY A 563 3.58 15.00 25.23
N ILE A 564 3.49 15.86 24.22
CA ILE A 564 4.57 16.06 23.26
C ILE A 564 5.46 17.27 23.58
N PHE A 565 4.84 18.40 23.90
CA PHE A 565 5.57 19.64 24.19
C PHE A 565 5.70 20.04 25.67
N GLY A 566 5.21 19.19 26.56
CA GLY A 566 5.25 19.47 28.01
C GLY A 566 3.99 20.16 28.47
N SER A 567 3.44 19.68 29.59
CA SER A 567 2.20 20.22 30.17
C SER A 567 2.19 21.73 30.42
N SER A 568 3.35 22.28 30.78
CA SER A 568 3.48 23.71 31.05
C SER A 568 4.11 24.45 29.86
N ALA A 569 3.51 24.29 28.69
CA ALA A 569 3.97 24.91 27.44
C ALA A 569 2.81 25.09 26.45
N VAL A 570 1.70 24.42 26.73
CA VAL A 570 0.51 24.49 25.90
C VAL A 570 -0.57 25.33 26.58
N PRO A 571 -0.74 26.60 26.16
CA PRO A 571 -1.76 27.45 26.75
C PRO A 571 -3.14 27.10 26.23
N GLN A 572 -4.18 27.55 26.93
CA GLN A 572 -5.54 27.28 26.50
C GLN A 572 -5.77 28.10 25.24
N PRO A 573 -6.34 27.47 24.19
CA PRO A 573 -6.55 28.12 22.90
C PRO A 573 -7.48 29.33 22.99
N LYS A 574 -7.17 30.36 22.23
CA LYS A 574 -7.99 31.58 22.23
C LYS A 574 -9.23 31.39 21.37
N GLU A 575 -9.10 30.61 20.30
CA GLU A 575 -10.21 30.32 19.37
C GLU A 575 -10.15 28.89 18.86
N THR A 576 -11.32 28.25 18.78
CA THR A 576 -11.40 26.86 18.29
C THR A 576 -12.61 26.62 17.40
N VAL A 577 -12.39 25.83 16.34
CA VAL A 577 -13.44 25.46 15.39
C VAL A 577 -13.31 23.98 15.10
N VAL A 578 -14.45 23.30 15.01
CA VAL A 578 -14.51 21.87 14.70
C VAL A 578 -15.47 21.68 13.54
N SER A 579 -15.02 21.00 12.49
CA SER A 579 -15.88 20.75 11.34
C SER A 579 -16.68 19.48 11.55
N ARG A 580 -17.85 19.44 10.93
CA ARG A 580 -18.74 18.28 10.99
C ARG A 580 -19.36 18.17 9.60
N TRP A 581 -18.57 17.64 8.66
CA TRP A 581 -19.01 17.52 7.27
C TRP A 581 -20.15 16.54 7.01
N ARG A 582 -20.20 15.44 7.75
CA ARG A 582 -21.27 14.46 7.57
C ARG A 582 -22.63 15.01 8.02
N ALA A 583 -22.62 15.79 9.11
CA ALA A 583 -23.83 16.38 9.65
C ALA A 583 -24.32 17.53 8.81
N ASP A 584 -23.38 18.22 8.15
CA ASP A 584 -23.69 19.36 7.30
C ASP A 584 -24.71 18.95 6.24
N PRO A 585 -25.94 19.49 6.33
CA PRO A 585 -27.00 19.10 5.38
C PRO A 585 -26.72 19.45 3.92
N TRP A 586 -25.75 20.34 3.67
CA TRP A 586 -25.39 20.76 2.31
C TRP A 586 -24.16 20.03 1.79
N ALA A 587 -23.67 19.08 2.57
CA ALA A 587 -22.50 18.31 2.18
C ALA A 587 -22.76 16.84 2.43
N ARG A 588 -23.05 16.50 3.68
N ARG A 588 -23.05 16.50 3.68
CA ARG A 588 -23.32 15.13 4.14
CA ARG A 588 -23.32 15.12 4.12
C ARG A 588 -22.14 14.21 3.89
C ARG A 588 -22.13 14.19 3.89
N GLY A 589 -20.94 14.77 4.06
CA GLY A 589 -19.69 14.06 3.88
C GLY A 589 -18.66 15.05 3.36
N SER A 590 -17.42 14.61 3.17
CA SER A 590 -16.36 15.48 2.69
C SER A 590 -16.14 15.39 1.17
N TYR A 591 -15.89 14.18 0.69
CA TYR A 591 -15.68 13.95 -0.73
C TYR A 591 -15.79 12.48 -1.10
N SER A 592 -16.03 12.20 -2.37
CA SER A 592 -16.23 10.84 -2.85
C SER A 592 -14.98 9.96 -2.77
N TYR A 593 -15.20 8.66 -2.81
CA TYR A 593 -14.14 7.65 -2.77
C TYR A 593 -14.60 6.46 -3.59
N VAL A 594 -13.67 5.66 -4.11
CA VAL A 594 -14.07 4.52 -4.93
C VAL A 594 -14.39 3.35 -4.03
N ALA A 595 -15.68 3.18 -3.78
CA ALA A 595 -16.16 2.12 -2.92
C ALA A 595 -16.08 0.75 -3.56
N ALA A 596 -15.97 -0.26 -2.70
CA ALA A 596 -15.95 -1.64 -3.17
C ALA A 596 -17.30 -1.84 -3.84
N GLY A 597 -17.29 -2.34 -5.08
CA GLY A 597 -18.51 -2.56 -5.84
C GLY A 597 -18.72 -1.47 -6.88
N SER A 598 -17.91 -0.41 -6.78
CA SER A 598 -17.99 0.70 -7.70
C SER A 598 -16.78 0.67 -8.61
N SER A 599 -16.61 1.70 -9.43
CA SER A 599 -15.48 1.79 -10.34
C SER A 599 -15.46 3.17 -11.00
N GLY A 600 -14.41 3.44 -11.77
CA GLY A 600 -14.27 4.71 -12.45
C GLY A 600 -15.42 4.97 -13.41
N ASN A 601 -16.11 3.91 -13.82
CA ASN A 601 -17.23 4.05 -14.75
C ASN A 601 -18.43 4.77 -14.14
N ASP A 602 -18.61 4.64 -12.83
CA ASP A 602 -19.72 5.29 -12.12
C ASP A 602 -19.58 6.80 -12.15
N TYR A 603 -18.34 7.28 -12.22
CA TYR A 603 -18.06 8.70 -12.29
C TYR A 603 -18.56 9.22 -13.63
N ASP A 604 -18.42 8.39 -14.67
CA ASP A 604 -18.88 8.74 -16.01
C ASP A 604 -20.40 8.77 -16.02
N LEU A 605 -21.01 7.79 -15.38
CA LEU A 605 -22.46 7.72 -15.30
C LEU A 605 -22.98 8.95 -14.57
N MET A 606 -22.28 9.36 -13.52
CA MET A 606 -22.69 10.55 -12.78
C MET A 606 -22.66 11.78 -13.65
N ALA A 607 -21.70 11.82 -14.58
CA ALA A 607 -21.56 12.97 -15.49
C ALA A 607 -22.59 13.07 -16.62
N GLN A 608 -23.20 11.95 -17.02
CA GLN A 608 -24.17 11.97 -18.11
C GLN A 608 -25.40 12.84 -17.83
N PRO A 609 -25.77 13.68 -18.81
CA PRO A 609 -26.99 14.47 -18.69
C PRO A 609 -28.24 13.61 -18.84
N ILE A 610 -29.37 14.15 -18.41
CA ILE A 610 -30.66 13.47 -18.48
C ILE A 610 -31.54 14.12 -19.54
N THR A 611 -32.18 13.28 -20.34
CA THR A 611 -33.07 13.73 -21.41
C THR A 611 -34.49 13.27 -21.08
N PRO A 612 -35.41 14.23 -20.88
CA PRO A 612 -36.79 13.90 -20.53
C PRO A 612 -37.51 13.24 -21.70
N GLY A 613 -38.63 12.58 -21.41
CA GLY A 613 -39.43 11.93 -22.46
C GLY A 613 -40.19 13.03 -23.19
N PRO A 614 -40.87 12.69 -24.29
CA PRO A 614 -41.66 13.74 -24.95
C PRO A 614 -42.95 14.05 -24.18
N SER A 615 -43.46 15.26 -24.36
CA SER A 615 -44.70 15.69 -23.70
C SER A 615 -45.82 15.08 -24.51
N ILE A 616 -45.85 15.42 -25.80
CA ILE A 616 -46.84 14.91 -26.74
C ILE A 616 -46.33 13.57 -27.27
N PRO A 617 -47.16 12.51 -27.16
CA PRO A 617 -46.74 11.20 -27.71
C PRO A 617 -46.45 11.29 -29.22
N GLY A 618 -45.37 10.62 -29.65
CA GLY A 618 -44.97 10.64 -31.06
C GLY A 618 -44.21 11.89 -31.47
N ALA A 619 -43.83 12.70 -30.49
CA ALA A 619 -43.08 13.92 -30.74
C ALA A 619 -41.60 13.59 -30.79
N PRO A 620 -40.82 14.35 -31.59
CA PRO A 620 -39.40 14.07 -31.77
C PRO A 620 -38.61 14.07 -30.47
N GLN A 621 -37.52 13.30 -30.45
CA GLN A 621 -36.63 13.16 -29.29
C GLN A 621 -36.19 14.52 -28.72
N PRO A 622 -36.53 14.78 -27.44
CA PRO A 622 -36.12 16.04 -26.85
C PRO A 622 -34.61 16.19 -26.63
N ILE A 623 -34.25 17.41 -26.28
CA ILE A 623 -32.94 17.89 -25.97
C ILE A 623 -32.65 17.43 -24.53
N PRO A 624 -31.39 17.12 -24.19
CA PRO A 624 -31.06 16.94 -22.77
C PRO A 624 -31.33 18.23 -21.97
N ARG A 625 -31.91 18.06 -20.80
CA ARG A 625 -32.29 19.19 -19.95
C ARG A 625 -31.60 19.28 -18.59
N LEU A 626 -31.27 18.13 -18.01
CA LEU A 626 -30.63 18.06 -16.70
C LEU A 626 -29.17 17.64 -16.80
N PHE A 627 -28.27 18.50 -16.32
CA PHE A 627 -26.83 18.25 -16.38
C PHE A 627 -26.20 18.11 -15.00
N PHE A 628 -25.05 17.45 -14.93
CA PHE A 628 -24.36 17.23 -13.67
C PHE A 628 -22.88 17.55 -13.70
N ALA A 629 -22.44 18.28 -12.69
CA ALA A 629 -21.06 18.65 -12.54
C ALA A 629 -20.74 18.38 -11.07
N GLY A 630 -19.47 18.54 -10.72
CA GLY A 630 -19.07 18.31 -9.36
C GLY A 630 -18.02 17.22 -9.24
N GLU A 631 -17.23 17.35 -8.17
CA GLU A 631 -16.14 16.42 -7.89
C GLU A 631 -16.51 14.97 -8.18
N HIS A 632 -17.72 14.57 -7.80
CA HIS A 632 -18.13 13.18 -8.01
C HIS A 632 -18.46 12.81 -9.46
N THR A 633 -18.29 13.75 -10.39
CA THR A 633 -18.60 13.53 -11.81
C THR A 633 -17.39 13.57 -12.76
N ILE A 634 -16.18 13.46 -12.23
CA ILE A 634 -14.95 13.50 -13.03
C ILE A 634 -14.02 12.35 -12.60
N ARG A 635 -14.02 11.26 -13.36
CA ARG A 635 -13.23 10.07 -13.02
C ARG A 635 -11.72 10.22 -12.86
N ASN A 636 -11.10 11.12 -13.60
CA ASN A 636 -9.65 11.29 -13.48
C ASN A 636 -9.16 12.15 -12.32
N TYR A 637 -10.02 13.06 -11.83
CA TYR A 637 -9.63 13.94 -10.73
C TYR A 637 -10.72 14.13 -9.67
N PRO A 638 -11.33 13.02 -9.22
CA PRO A 638 -12.42 13.19 -8.28
C PRO A 638 -11.89 13.60 -6.90
N ALA A 639 -12.78 14.11 -6.06
CA ALA A 639 -12.45 14.50 -4.69
C ALA A 639 -11.43 15.61 -4.61
N THR A 640 -11.47 16.57 -5.52
CA THR A 640 -10.50 17.67 -5.49
C THR A 640 -11.11 18.97 -6.00
N VAL A 641 -10.41 20.08 -5.80
CA VAL A 641 -10.87 21.37 -6.27
C VAL A 641 -10.69 21.43 -7.77
N HIS A 642 -9.51 21.04 -8.25
CA HIS A 642 -9.27 21.05 -9.70
C HIS A 642 -10.31 20.19 -10.42
N GLY A 643 -10.63 19.02 -9.84
CA GLY A 643 -11.62 18.13 -10.41
C GLY A 643 -12.98 18.80 -10.54
N ALA A 644 -13.38 19.49 -9.49
CA ALA A 644 -14.65 20.21 -9.49
C ALA A 644 -14.60 21.27 -10.59
N LEU A 645 -13.55 22.08 -10.56
CA LEU A 645 -13.32 23.13 -11.53
C LEU A 645 -13.44 22.61 -12.94
N LEU A 646 -12.73 21.51 -13.23
CA LEU A 646 -12.77 20.91 -14.56
C LEU A 646 -14.15 20.40 -14.96
N SER A 647 -14.89 19.81 -14.01
CA SER A 647 -16.24 19.31 -14.31
C SER A 647 -17.16 20.45 -14.70
N GLY A 648 -16.98 21.60 -14.06
CA GLY A 648 -17.78 22.77 -14.37
C GLY A 648 -17.51 23.22 -15.78
N LEU A 649 -16.22 23.32 -16.14
CA LEU A 649 -15.81 23.73 -17.49
C LEU A 649 -16.34 22.75 -18.53
N ARG A 650 -16.38 21.46 -18.17
CA ARG A 650 -16.88 20.43 -19.07
C ARG A 650 -18.34 20.65 -19.38
N GLU A 651 -19.17 20.75 -18.34
CA GLU A 651 -20.60 20.95 -18.52
C GLU A 651 -20.95 22.25 -19.24
N ALA A 652 -20.19 23.31 -18.98
CA ALA A 652 -20.45 24.59 -19.62
C ALA A 652 -20.31 24.42 -21.13
N GLY A 653 -19.27 23.71 -21.55
CA GLY A 653 -19.04 23.47 -22.97
C GLY A 653 -20.15 22.63 -23.56
N ARG A 654 -20.54 21.56 -22.87
CA ARG A 654 -21.59 20.69 -23.36
C ARG A 654 -22.94 21.42 -23.45
N ILE A 655 -23.24 22.24 -22.44
CA ILE A 655 -24.49 23.00 -22.41
C ILE A 655 -24.50 24.03 -23.53
N ALA A 656 -23.41 24.79 -23.67
CA ALA A 656 -23.30 25.79 -24.71
C ALA A 656 -23.42 25.15 -26.09
N ASP A 657 -22.77 24.01 -26.28
CA ASP A 657 -22.83 23.29 -27.56
C ASP A 657 -24.25 22.91 -27.90
N GLN A 658 -25.00 22.53 -26.87
CA GLN A 658 -26.37 22.10 -27.00
C GLN A 658 -27.35 23.25 -27.27
N PHE A 659 -27.23 24.34 -26.51
CA PHE A 659 -28.15 25.47 -26.66
C PHE A 659 -27.74 26.66 -27.51
N LEU A 660 -26.45 26.76 -27.85
CA LEU A 660 -25.98 27.86 -28.68
C LEU A 660 -25.47 27.32 -30.00
N GLY A 661 -25.34 26.00 -30.07
CA GLY A 661 -24.84 25.34 -31.27
C GLY A 661 -23.33 25.47 -31.39
N ALA A 662 -22.73 24.53 -32.11
CA ALA A 662 -21.28 24.52 -32.33
C ALA A 662 -20.99 24.90 -33.77
N MET A 663 -20.19 25.94 -33.97
CA MET A 663 -19.82 26.40 -35.32
C MET A 663 -18.54 25.71 -35.82
N TYR A 664 -17.69 25.30 -34.88
CA TYR A 664 -16.40 24.65 -35.15
C TYR A 664 -16.44 23.17 -35.59
N THR A 665 -17.61 22.54 -35.47
CA THR A 665 -17.77 21.13 -35.86
C THR A 665 -17.82 20.97 -37.40
N LEU A 666 -18.44 21.94 -38.07
CA LEU A 666 -18.57 21.97 -39.53
C LEU A 666 -17.21 22.16 -40.20
N ARG B 61 4.54 -9.35 -11.60
CA ARG B 61 4.72 -10.81 -11.89
C ARG B 61 5.03 -11.59 -10.62
N LYS B 62 5.64 -10.93 -9.65
CA LYS B 62 6.00 -11.54 -8.37
C LYS B 62 5.66 -10.66 -7.18
N PRO B 63 5.46 -11.26 -5.98
CA PRO B 63 5.26 -10.50 -4.75
C PRO B 63 6.50 -9.68 -4.43
N PRO B 64 6.37 -8.61 -3.63
CA PRO B 64 7.56 -7.88 -3.18
C PRO B 64 8.55 -8.81 -2.47
N LYS B 65 9.82 -8.41 -2.43
CA LYS B 65 10.86 -9.21 -1.78
C LYS B 65 10.53 -9.41 -0.30
N GLY B 66 10.78 -10.61 0.21
CA GLY B 66 10.51 -10.93 1.60
C GLY B 66 9.03 -11.15 1.94
N MET B 67 8.14 -10.72 1.04
CA MET B 67 6.70 -10.88 1.22
C MET B 67 6.30 -12.26 0.70
N PHE B 68 5.34 -12.90 1.36
CA PHE B 68 4.92 -14.24 0.95
C PHE B 68 3.41 -14.33 0.78
N LEU B 69 3.00 -14.67 -0.44
CA LEU B 69 1.59 -14.76 -0.80
C LEU B 69 1.31 -15.81 -1.87
N SER B 70 0.87 -16.98 -1.46
CA SER B 70 0.57 -18.02 -2.42
C SER B 70 -0.94 -18.15 -2.56
N GLN B 71 -1.39 -18.66 -3.70
CA GLN B 71 -2.80 -18.84 -3.95
C GLN B 71 -3.37 -19.77 -2.90
N GLU B 72 -2.71 -20.91 -2.70
CA GLU B 72 -3.11 -21.93 -1.75
C GLU B 72 -3.29 -21.40 -0.32
N ASP B 73 -2.36 -20.57 0.13
CA ASP B 73 -2.42 -20.01 1.48
C ASP B 73 -3.55 -19.00 1.63
N VAL B 74 -3.70 -18.12 0.65
CA VAL B 74 -4.74 -17.10 0.66
C VAL B 74 -6.11 -17.73 0.83
N GLU B 75 -6.36 -18.77 0.05
CA GLU B 75 -7.63 -19.50 0.10
C GLU B 75 -7.88 -20.08 1.48
N ALA B 76 -6.81 -20.54 2.13
CA ALA B 76 -6.88 -21.13 3.46
C ALA B 76 -7.27 -20.13 4.54
N VAL B 77 -6.67 -18.96 4.51
CA VAL B 77 -6.94 -17.92 5.50
C VAL B 77 -8.32 -17.25 5.33
N SER B 78 -8.93 -17.47 4.15
CA SER B 78 -10.23 -16.88 3.84
C SER B 78 -11.34 -17.91 3.55
N ALA B 79 -11.19 -19.12 4.07
CA ALA B 79 -12.19 -20.18 3.87
C ALA B 79 -13.46 -19.90 4.67
N ASN B 80 -13.28 -19.29 5.84
CA ASN B 80 -14.38 -18.93 6.74
C ASN B 80 -14.01 -17.69 7.55
N ALA B 81 -14.94 -17.23 8.37
CA ALA B 81 -14.73 -16.01 9.19
C ALA B 81 -13.60 -16.09 10.22
N THR B 82 -13.30 -17.30 10.68
CA THR B 82 -12.25 -17.51 11.69
C THR B 82 -10.99 -18.26 11.17
N ALA B 83 -11.10 -18.72 9.91
CA ALA B 83 -10.01 -19.47 9.25
C ALA B 83 -8.59 -18.98 9.60
N ALA B 84 -8.36 -17.66 9.48
CA ALA B 84 -7.06 -17.07 9.79
C ALA B 84 -6.60 -17.39 11.21
N THR B 85 -7.49 -17.15 12.17
CA THR B 85 -7.19 -17.40 13.59
C THR B 85 -6.92 -18.90 13.85
N THR B 86 -7.65 -19.76 13.14
CA THR B 86 -7.49 -21.20 13.26
C THR B 86 -6.12 -21.63 12.73
N VAL B 87 -5.72 -21.06 11.61
CA VAL B 87 -4.44 -21.40 10.98
C VAL B 87 -3.28 -21.00 11.88
N LEU B 88 -3.31 -19.76 12.38
CA LEU B 88 -2.26 -19.25 13.25
C LEU B 88 -2.17 -20.00 14.58
N ARG B 89 -3.33 -20.44 15.08
CA ARG B 89 -3.39 -21.20 16.32
C ARG B 89 -2.73 -22.57 16.13
N GLN B 90 -3.17 -23.30 15.10
CA GLN B 90 -2.62 -24.62 14.79
C GLN B 90 -1.09 -24.60 14.61
N LEU B 91 -0.54 -23.41 14.39
CA LEU B 91 0.89 -23.25 14.22
C LEU B 91 1.51 -22.93 15.58
N ASP B 92 0.80 -22.13 16.39
CA ASP B 92 1.27 -21.77 17.71
C ASP B 92 1.36 -23.04 18.56
N MET B 93 0.49 -23.99 18.27
CA MET B 93 0.46 -25.27 18.95
C MET B 93 1.61 -26.15 18.47
N GLU B 94 1.81 -26.22 17.16
CA GLU B 94 2.89 -27.03 16.57
C GLU B 94 4.25 -26.58 17.09
N LEU B 95 4.38 -25.27 17.33
CA LEU B 95 5.61 -24.67 17.82
C LEU B 95 5.87 -25.08 19.27
N VAL B 96 4.80 -25.14 20.07
CA VAL B 96 4.90 -25.51 21.47
C VAL B 96 5.28 -26.99 21.61
N SER B 97 4.62 -27.84 20.82
CA SER B 97 4.87 -29.29 20.84
C SER B 97 6.24 -29.68 20.29
N VAL B 98 6.91 -28.76 19.61
CA VAL B 98 8.24 -29.05 19.07
C VAL B 98 9.29 -28.52 20.06
N LYS B 99 8.98 -27.43 20.75
CA LYS B 99 9.89 -26.86 21.74
C LYS B 99 10.02 -27.83 22.92
N ARG B 100 8.91 -28.44 23.32
CA ARG B 100 8.91 -29.40 24.43
C ARG B 100 9.62 -30.69 24.01
N GLN B 101 9.62 -30.95 22.70
CA GLN B 101 10.25 -32.13 22.14
C GLN B 101 11.75 -31.90 22.10
N ILE B 102 12.15 -30.63 22.01
CA ILE B 102 13.57 -30.27 21.96
C ILE B 102 14.17 -30.46 23.34
N GLN B 103 13.55 -29.86 24.35
CA GLN B 103 14.04 -29.97 25.73
C GLN B 103 14.07 -31.41 26.23
N ASN B 104 13.14 -32.21 25.73
CA ASN B 104 13.04 -33.62 26.09
C ASN B 104 14.27 -34.39 25.64
N ILE B 105 14.64 -34.21 24.37
CA ILE B 105 15.80 -34.87 23.78
C ILE B 105 17.11 -34.27 24.30
N LYS B 106 17.07 -32.99 24.69
CA LYS B 106 18.25 -32.30 25.22
C LYS B 106 18.63 -32.92 26.57
N GLN B 107 17.61 -33.28 27.35
CA GLN B 107 17.78 -33.90 28.66
C GLN B 107 18.20 -35.38 28.52
N THR B 108 17.69 -36.02 27.47
CA THR B 108 17.99 -37.42 27.16
C THR B 108 19.45 -37.53 26.71
N ASN B 109 19.91 -36.53 25.96
CA ASN B 109 21.28 -36.49 25.47
C ASN B 109 22.27 -36.10 26.56
N SER B 110 21.79 -35.32 27.53
CA SER B 110 22.61 -34.88 28.65
C SER B 110 22.98 -36.06 29.53
N ALA B 111 22.04 -37.00 29.69
CA ALA B 111 22.25 -38.19 30.48
C ALA B 111 23.22 -39.14 29.77
N LEU B 112 23.09 -39.24 28.45
CA LEU B 112 23.96 -40.11 27.65
C LEU B 112 25.39 -39.59 27.64
N LYS B 113 25.55 -38.27 27.70
CA LYS B 113 26.87 -37.66 27.71
C LYS B 113 27.55 -37.94 29.05
N GLU B 114 26.76 -37.91 30.13
CA GLU B 114 27.24 -38.18 31.47
C GLU B 114 27.73 -39.62 31.62
N LYS B 115 27.20 -40.50 30.79
CA LYS B 115 27.58 -41.91 30.79
C LYS B 115 28.91 -42.12 30.08
N LEU B 116 29.30 -41.17 29.24
CA LEU B 116 30.54 -41.25 28.50
C LEU B 116 31.65 -40.44 29.20
N ASP B 117 31.46 -40.18 30.49
CA ASP B 117 32.44 -39.43 31.26
C ASP B 117 33.75 -40.20 31.36
N GLY B 118 34.83 -39.53 30.98
CA GLY B 118 36.17 -40.13 30.98
C GLY B 118 36.54 -40.66 29.61
N GLY B 119 35.53 -40.85 28.76
CA GLY B 119 35.74 -41.35 27.41
C GLY B 119 36.24 -42.79 27.46
N ILE B 120 37.32 -43.05 26.72
CA ILE B 120 37.93 -44.38 26.68
C ILE B 120 39.42 -44.35 27.01
N GLU B 121 39.82 -43.40 27.86
CA GLU B 121 41.22 -43.25 28.26
C GLU B 121 41.78 -44.43 29.09
N PRO B 122 41.00 -44.94 30.07
CA PRO B 122 41.50 -46.08 30.84
C PRO B 122 41.54 -47.39 30.05
N TYR B 123 41.06 -47.36 28.80
CA TYR B 123 41.03 -48.55 27.96
C TYR B 123 41.96 -48.46 26.76
N ARG B 124 42.79 -47.42 26.71
CA ARG B 124 43.72 -47.21 25.62
C ARG B 124 45.06 -47.91 25.86
N LEU B 125 45.58 -48.54 24.81
CA LEU B 125 46.85 -49.25 24.88
C LEU B 125 47.95 -48.49 24.14
N PRO B 126 49.22 -48.62 24.60
CA PRO B 126 50.35 -48.07 23.86
C PRO B 126 50.53 -48.79 22.52
N GLU B 127 51.05 -48.08 21.52
CA GLU B 127 51.27 -48.63 20.19
C GLU B 127 52.37 -49.71 20.17
N VAL B 128 52.30 -50.58 19.17
CA VAL B 128 53.27 -51.69 19.01
C VAL B 128 54.69 -51.19 18.71
N ILE B 129 54.78 -50.17 17.85
CA ILE B 129 56.05 -49.52 17.43
C ILE B 129 57.24 -50.47 17.19
N GLN B 130 57.26 -51.13 16.04
CA GLN B 130 58.36 -52.05 15.69
C GLN B 130 58.63 -52.13 14.18
N LYS B 131 59.89 -52.39 13.83
CA LYS B 131 60.31 -52.48 12.44
C LYS B 131 59.84 -53.77 11.76
N CYS B 132 59.52 -53.64 10.49
CA CYS B 132 59.06 -54.75 9.66
C CYS B 132 60.21 -55.66 9.24
N ASN B 133 60.12 -56.94 9.61
CA ASN B 133 61.15 -57.93 9.27
C ASN B 133 60.71 -58.88 8.16
N ALA B 134 61.56 -59.02 7.14
CA ALA B 134 61.29 -59.87 5.98
C ALA B 134 61.17 -61.38 6.28
N ARG B 135 61.95 -61.85 7.24
CA ARG B 135 61.94 -63.27 7.61
C ARG B 135 60.71 -63.71 8.40
N TRP B 136 60.27 -64.93 8.13
CA TRP B 136 59.11 -65.52 8.80
C TRP B 136 59.55 -66.57 9.82
N THR B 137 59.23 -66.36 11.08
CA THR B 137 59.56 -67.33 12.10
C THR B 137 58.38 -68.29 12.16
N THR B 138 58.60 -69.48 12.70
CA THR B 138 57.53 -70.49 12.83
C THR B 138 56.36 -69.89 13.61
N GLU B 139 56.66 -69.11 14.63
N GLU B 139 56.65 -69.11 14.64
CA GLU B 139 55.69 -68.44 15.48
CA GLU B 139 55.64 -68.48 15.48
C GLU B 139 54.80 -67.50 14.67
C GLU B 139 54.79 -67.48 14.67
N GLU B 140 55.44 -66.74 13.78
CA GLU B 140 54.75 -65.77 12.93
C GLU B 140 53.81 -66.44 11.93
N GLN B 141 54.28 -67.52 11.31
CA GLN B 141 53.48 -68.27 10.36
C GLN B 141 52.23 -68.81 11.02
N LEU B 142 52.39 -69.32 12.24
CA LEU B 142 51.28 -69.87 13.02
C LEU B 142 50.28 -68.81 13.42
N LEU B 143 50.77 -67.59 13.66
CA LEU B 143 49.88 -66.51 14.03
C LEU B 143 49.00 -66.19 12.81
N ALA B 144 49.65 -66.14 11.64
CA ALA B 144 48.96 -65.85 10.38
C ALA B 144 47.80 -66.80 10.14
N VAL B 145 48.08 -68.11 10.16
CA VAL B 145 47.06 -69.13 9.96
C VAL B 145 45.82 -68.85 10.82
N GLN B 146 46.03 -68.48 12.07
CA GLN B 146 44.92 -68.19 12.96
C GLN B 146 44.25 -66.86 12.60
N ALA B 147 45.04 -65.92 12.11
CA ALA B 147 44.55 -64.60 11.71
C ALA B 147 43.67 -64.75 10.47
N ILE B 148 44.05 -65.67 9.61
CA ILE B 148 43.31 -65.96 8.38
C ILE B 148 41.98 -66.62 8.74
N ARG B 149 41.99 -67.41 9.81
CA ARG B 149 40.81 -68.12 10.28
C ARG B 149 39.80 -67.16 10.91
N LYS B 150 40.30 -66.10 11.53
CA LYS B 150 39.46 -65.12 12.21
C LYS B 150 39.10 -63.88 11.37
N TYR B 151 39.98 -63.49 10.44
CA TYR B 151 39.74 -62.29 9.62
C TYR B 151 39.50 -62.50 8.13
N GLY B 152 39.83 -63.70 7.64
CA GLY B 152 39.65 -64.04 6.24
C GLY B 152 40.58 -63.38 5.24
N ARG B 153 40.18 -62.20 4.76
CA ARG B 153 40.96 -61.47 3.76
C ARG B 153 41.38 -60.06 4.17
N ASP B 154 41.09 -59.69 5.42
CA ASP B 154 41.45 -58.37 5.94
C ASP B 154 42.96 -58.36 6.24
N PHE B 155 43.75 -58.26 5.17
CA PHE B 155 45.21 -58.24 5.26
C PHE B 155 45.73 -57.24 6.30
N GLN B 156 45.07 -56.10 6.39
CA GLN B 156 45.46 -55.06 7.34
C GLN B 156 45.40 -55.59 8.78
N ALA B 157 44.30 -56.24 9.12
CA ALA B 157 44.11 -56.81 10.45
C ALA B 157 45.14 -57.90 10.72
N ILE B 158 45.31 -58.80 9.75
CA ILE B 158 46.26 -59.90 9.86
C ILE B 158 47.66 -59.35 10.15
N SER B 159 48.06 -58.35 9.35
CA SER B 159 49.37 -57.71 9.50
C SER B 159 49.54 -57.07 10.87
N ASP B 160 48.46 -56.48 11.40
CA ASP B 160 48.49 -55.84 12.70
C ASP B 160 48.68 -56.85 13.83
N VAL B 161 48.11 -58.04 13.63
CA VAL B 161 48.19 -59.13 14.60
C VAL B 161 49.62 -59.68 14.63
N ILE B 162 50.20 -59.92 13.45
CA ILE B 162 51.57 -60.43 13.38
C ILE B 162 52.56 -59.39 13.91
N GLY B 163 52.31 -58.12 13.62
CA GLY B 163 53.16 -57.03 14.08
C GLY B 163 54.31 -56.56 13.21
N ASN B 164 55.19 -57.48 12.84
CA ASN B 164 56.36 -57.14 12.02
C ASN B 164 56.28 -57.55 10.55
N LYS B 165 55.07 -57.60 10.00
CA LYS B 165 54.86 -57.95 8.59
C LYS B 165 53.97 -56.92 7.91
N SER B 166 54.35 -56.53 6.70
CA SER B 166 53.58 -55.54 5.93
C SER B 166 52.34 -56.17 5.31
N VAL B 167 51.54 -55.35 4.64
CA VAL B 167 50.33 -55.80 3.98
C VAL B 167 50.65 -56.71 2.79
N VAL B 168 51.64 -56.32 2.00
CA VAL B 168 52.05 -57.10 0.83
C VAL B 168 52.62 -58.46 1.23
N GLN B 169 53.43 -58.49 2.29
CA GLN B 169 54.05 -59.73 2.77
C GLN B 169 52.97 -60.75 3.14
N VAL B 170 51.86 -60.25 3.66
CA VAL B 170 50.73 -61.09 4.03
C VAL B 170 50.15 -61.69 2.75
N LYS B 171 49.88 -60.85 1.74
CA LYS B 171 49.34 -61.32 0.46
C LYS B 171 50.24 -62.39 -0.14
N ASN B 172 51.56 -62.19 -0.01
CA ASN B 172 52.54 -63.14 -0.53
C ASN B 172 52.45 -64.47 0.21
N PHE B 173 52.19 -64.39 1.51
CA PHE B 173 52.05 -65.56 2.36
C PHE B 173 50.91 -66.44 1.84
N PHE B 174 49.79 -65.79 1.53
CA PHE B 174 48.60 -66.46 0.99
C PHE B 174 48.91 -67.34 -0.22
N VAL B 175 49.83 -66.88 -1.06
CA VAL B 175 50.22 -67.61 -2.26
C VAL B 175 51.35 -68.59 -1.97
N ASN B 176 52.40 -68.11 -1.30
CA ASN B 176 53.57 -68.93 -0.97
C ASN B 176 53.30 -70.15 -0.08
N TYR B 177 52.26 -70.08 0.73
CA TYR B 177 51.93 -71.19 1.63
C TYR B 177 50.51 -71.72 1.45
N ARG B 178 49.91 -71.42 0.30
CA ARG B 178 48.54 -71.86 0.00
C ARG B 178 48.26 -73.34 0.26
N ARG B 179 49.12 -74.21 -0.25
CA ARG B 179 48.94 -75.65 -0.06
C ARG B 179 49.30 -76.11 1.36
N ARG B 180 50.57 -75.97 1.70
CA ARG B 180 51.08 -76.41 3.00
C ARG B 180 50.20 -76.04 4.20
N PHE B 181 49.57 -74.88 4.16
CA PHE B 181 48.76 -74.40 5.27
C PHE B 181 47.26 -74.44 5.00
N ASN B 182 46.86 -75.27 4.03
CA ASN B 182 45.45 -75.42 3.65
C ASN B 182 44.68 -74.11 3.73
N ILE B 183 45.31 -73.04 3.22
CA ILE B 183 44.72 -71.70 3.24
C ILE B 183 43.32 -71.68 2.61
N ASP B 184 43.17 -72.38 1.49
CA ASP B 184 41.88 -72.45 0.80
C ASP B 184 40.82 -73.01 1.75
N GLU B 185 41.18 -74.09 2.44
CA GLU B 185 40.31 -74.76 3.41
C GLU B 185 40.02 -73.87 4.62
N VAL B 186 41.02 -73.09 5.05
CA VAL B 186 40.87 -72.19 6.19
C VAL B 186 39.96 -71.03 5.80
N LEU B 187 40.06 -70.59 4.54
CA LEU B 187 39.24 -69.49 4.04
C LEU B 187 37.75 -69.86 4.00
N GLN B 188 37.45 -71.10 3.62
CA GLN B 188 36.06 -71.56 3.56
C GLN B 188 35.46 -71.66 4.97
N GLU B 189 36.32 -71.89 5.97
CA GLU B 189 35.90 -71.98 7.35
C GLU B 189 35.40 -70.62 7.83
N TRP B 190 36.11 -69.56 7.44
CA TRP B 190 35.74 -68.19 7.80
C TRP B 190 34.42 -67.78 7.17
N GLU B 191 34.16 -68.29 5.97
CA GLU B 191 32.92 -68.00 5.24
C GLU B 191 31.69 -68.60 5.94
N ALA B 192 31.92 -69.69 6.68
CA ALA B 192 30.84 -70.37 7.40
C ALA B 192 30.42 -69.62 8.67
N GLU B 193 31.03 -68.45 8.91
CA GLU B 193 30.72 -67.63 10.10
C GLU B 193 30.44 -66.17 9.73
N ALA C 1 -5.27 8.22 -5.76
CA ALA C 1 -5.38 8.91 -4.43
C ALA C 1 -4.71 8.08 -3.34
N ARG C 2 -3.39 8.23 -3.20
CA ARG C 2 -2.62 7.50 -2.20
C ARG C 2 -1.64 8.38 -1.41
N THR C 3 -1.76 8.34 -0.08
CA THR C 3 -0.92 9.10 0.87
C THR C 3 -1.08 10.63 0.79
N LYP C 4 -0.98 11.16 -0.43
CA LYP C 4 -1.09 12.60 -0.75
CB LYP C 4 -2.29 13.28 -0.07
CG LYP C 4 -3.60 12.97 -0.79
CD LYP C 4 -4.79 13.74 -0.25
CE LYP C 4 -5.95 13.62 -1.22
NZ LYP C 4 -7.29 14.12 -0.76
CM LYP C 4 -8.30 13.94 -1.84
C LYP C 4 0.21 13.40 -0.61
O LYP C 4 0.77 13.81 -1.63
CCA LYP C 4 -8.49 16.94 1.33
CCC LYP C 4 -8.57 16.08 0.05
CCD LYP C 4 -7.18 15.56 -0.37
N GLN C 5 0.71 13.58 0.63
CA GLN C 5 1.96 14.34 0.84
C GLN C 5 3.21 13.69 0.22
N THR C 6 3.32 13.83 -1.10
CA THR C 6 4.44 13.31 -1.91
C THR C 6 4.69 14.23 -3.11
N ALA C 7 5.20 13.67 -4.22
CA ALA C 7 5.49 14.42 -5.44
C ALA C 7 5.52 13.51 -6.66
PA FDA D . -19.37 21.79 -3.40
O1A FDA D . -20.01 20.91 -2.21
O2A FDA D . -18.24 22.67 -2.98
O5B FDA D . -20.48 22.61 -4.05
C5B FDA D . -21.78 22.14 -3.91
C4B FDA D . -22.61 23.32 -3.47
O4B FDA D . -24.00 22.94 -3.49
C3B FDA D . -22.30 23.73 -1.99
O3B FDA D . -22.19 25.17 -1.96
C2B FDA D . -23.60 23.37 -1.27
O2B FDA D . -23.90 24.27 -0.18
C1B FDA D . -24.57 23.67 -2.40
N9A FDA D . -25.82 23.02 -2.06
C8A FDA D . -26.02 21.86 -1.38
N7A FDA D . -27.35 21.62 -1.28
C5A FDA D . -27.97 22.61 -1.89
C6A FDA D . -29.29 22.89 -2.11
N6A FDA D . -30.21 22.07 -1.65
N1A FDA D . -29.64 23.98 -2.79
C2A FDA D . -28.71 24.82 -3.25
N3A FDA D . -27.43 24.57 -3.05
C4A FDA D . -27.03 23.49 -2.37
N1 FDA D . -9.68 19.40 -2.57
C2 FDA D . -8.27 19.63 -2.97
O2 FDA D . -8.05 20.03 -4.11
N3 FDA D . -7.12 19.40 -2.07
C4 FDA D . -7.50 19.36 -0.64
O4 FDA D . -6.72 19.74 0.23
C4X FDA D . -8.86 18.84 -0.25
N5 FDA D . -9.08 18.31 1.13
C5X FDA D . -10.49 18.39 1.57
C6 FDA D . -10.77 18.45 2.94
C7 FDA D . -12.09 18.55 3.38
C7M FDA D . -12.34 18.60 4.89
C8 FDA D . -13.15 18.61 2.46
C8M FDA D . -14.60 18.73 2.90
C9 FDA D . -12.86 18.57 1.10
C9A FDA D . -11.53 18.46 0.65
N10 FDA D . -11.22 18.41 -0.80
C10 FDA D . -9.89 18.87 -1.21
C1' FDA D . -12.29 18.27 -1.82
C2' FDA D . -12.82 19.62 -2.34
O2' FDA D . -13.09 20.48 -1.25
C3' FDA D . -14.11 19.41 -3.12
O3' FDA D . -13.89 18.43 -4.13
C4' FDA D . -14.67 20.65 -3.82
O4' FDA D . -14.46 21.88 -3.11
C5' FDA D . -16.16 20.46 -4.01
O5' FDA D . -16.53 20.96 -5.27
P FDA D . -18.06 20.99 -5.74
O1P FDA D . -18.22 19.65 -6.60
O2P FDA D . -18.34 22.23 -6.50
O3P FDA D . -18.98 20.69 -4.51
C1 GOL E . -6.34 -2.22 7.69
O1 GOL E . -7.55 -1.52 7.52
C2 GOL E . -6.50 -3.26 8.78
O2 GOL E . -6.63 -2.63 10.02
C3 GOL E . -5.27 -4.16 8.82
O3 GOL E . -5.51 -5.23 9.71
CL CL F . -26.28 5.42 -20.26
CL CL G . -18.82 22.49 8.09
#